data_8D1B
#
_entry.id   8D1B
#
_cell.length_a   1.00
_cell.length_b   1.00
_cell.length_c   1.00
_cell.angle_alpha   90.00
_cell.angle_beta   90.00
_cell.angle_gamma   90.00
#
_symmetry.space_group_name_H-M   'P 1'
#
loop_
_entity.id
_entity.type
_entity.pdbx_description
1 polymer Pikachurin
2 polymer 'Probable G-protein coupled receptor 179'
#
loop_
_entity_poly.entity_id
_entity_poly.type
_entity_poly.pdbx_seq_one_letter_code
_entity_poly.pdbx_strand_id
1 'polypeptide(L)'
;AAHPCVRAPCAHGGSCRPRKEGYDCDCPLGFEGLHCQKECGNYCLNTIIEAIEIPQFIGRSYLTYDNPDILKRVSGSRSN
VFMRFKTTAKDGLLLWRGDSPMRPNSDFISLGLRDGALVFSYNLGSGVASIMVNGSFNDGRWHRVKAVRDGQSGKITVDD
YGARTGKSPGMMRQLNINGALYVGGMKEIALHTNRQYMRGLVGCISHFTLSTDYHISLVEDAVDGKNINTCGAC
;
D,C
2 'polypeptide(L)'
;MGTRGAVMPPPMWGLLGCCFVCAWALGGPRPIRSLPPLSSQVKPGSVPMQVPLEGAEAALAYLYSGDAQQLSQVNCSERY
EARGAGAMPGLPPSLQGAAGTLAQAANFLNMLLQANDIRESSVEEDVEWYQALVRSVAEGDPRVYRALLTFNPPPGASHL
QLALQATRTGEETILQDLSGNWVQEENPPGDLDTPALKKRVLTNDLGSLGSPKWPQADGYVGDTQQVRLSPPFLECQEGR
LRPGWLITLSATFYGLKPDLSPEVRGQVQMDVDLQSVDINQCASGPGWYSNTHLCDLNSTQCVPLESQGFVLGRYLCRCR
PGFYGASPSGGLEESDFQTTGQFGFPEGRSGRLLQCLPCPEGCTSCMDATPCLVEEAAVLRAAVLACQACCMLAIFLSML
VSYRCRRNKRIWASGVVLLETVLFGFLLLYFPVFILYFKPSVFRCIALRWVRLLGFAIVYGTIILKLYRVLQLFLSRTAQ
RSALLSSGRLLRRLGLLLLPVLGFLAVWTVGALERGIQHAPLVIRGHTPSGRHFYLCHHDRWDYIMVVAELLLLCWGSFL
CYATRAVLSAFHEPRYMGIALHNELLLSAAFHTARFVLVPSLHPDWTLLLFFFHTHSTVTTTLALIFIPKFWKLGAPPRE
EMVDEVCEDELDLQHSGSYLGSSIASAWSEHSLDPGDIRDELKKLYAQLEVHKTKEMAANNPHLPKKRGSSCQGLGRSFM
RYLAEFPEALARQHSRDSGS
;
B,A
#
# COMPACT_ATOMS: atom_id res chain seq x y z
N ILE A 54 -4.78 -24.89 -22.22
CA ILE A 54 -5.37 -24.31 -23.42
C ILE A 54 -6.44 -23.29 -23.03
N PRO A 55 -6.21 -22.03 -23.37
CA PRO A 55 -7.30 -21.06 -23.27
C PRO A 55 -8.47 -21.47 -24.15
N GLN A 56 -9.67 -21.11 -23.72
CA GLN A 56 -10.87 -21.19 -24.56
C GLN A 56 -11.28 -22.63 -24.86
N PHE A 57 -11.46 -23.43 -23.81
CA PHE A 57 -12.14 -24.72 -23.93
C PHE A 57 -13.58 -24.52 -24.41
N ILE A 58 -14.08 -25.46 -25.21
CA ILE A 58 -15.47 -25.44 -25.64
C ILE A 58 -16.19 -26.73 -25.27
N GLY A 59 -15.46 -27.84 -25.20
CA GLY A 59 -16.11 -29.12 -25.04
C GLY A 59 -15.45 -30.01 -24.01
N ARG A 60 -15.13 -31.25 -24.40
CA ARG A 60 -14.42 -32.18 -23.52
C ARG A 60 -12.91 -32.05 -23.68
N SER A 61 -12.44 -30.90 -24.13
CA SER A 61 -11.01 -30.68 -24.38
C SER A 61 -10.19 -30.95 -23.12
N TYR A 62 -9.38 -32.00 -23.17
CA TYR A 62 -8.49 -32.33 -22.07
C TYR A 62 -7.08 -31.87 -22.40
N LEU A 63 -6.17 -32.06 -21.44
CA LEU A 63 -4.80 -31.56 -21.59
C LEU A 63 -3.90 -32.26 -20.58
N THR A 64 -2.87 -32.94 -21.06
CA THR A 64 -1.93 -33.64 -20.21
C THR A 64 -0.59 -32.91 -20.22
N TYR A 65 0.30 -33.35 -19.33
CA TYR A 65 1.60 -32.71 -19.17
C TYR A 65 2.71 -33.75 -19.03
N ASP A 66 3.91 -33.38 -19.46
CA ASP A 66 5.03 -34.31 -19.57
C ASP A 66 6.26 -33.88 -18.79
N ASN A 67 6.50 -32.58 -18.65
CA ASN A 67 7.75 -32.07 -18.09
C ASN A 67 7.96 -32.59 -16.67
N PRO A 68 9.14 -33.16 -16.35
CA PRO A 68 9.36 -33.69 -15.01
C PRO A 68 9.47 -32.63 -13.93
N ASP A 69 9.42 -31.35 -14.29
CA ASP A 69 9.37 -30.29 -13.29
C ASP A 69 7.95 -30.01 -12.84
N ILE A 70 6.99 -30.02 -13.77
CA ILE A 70 5.58 -29.95 -13.41
C ILE A 70 5.16 -31.18 -12.63
N LEU A 71 5.75 -32.34 -12.94
CA LEU A 71 5.39 -33.58 -12.27
C LEU A 71 5.88 -33.63 -10.83
N LYS A 72 6.72 -32.69 -10.42
CA LYS A 72 7.37 -32.81 -9.11
C LYS A 72 6.91 -31.76 -8.11
N ARG A 73 6.59 -30.54 -8.53
CA ARG A 73 6.17 -29.51 -7.59
C ARG A 73 4.86 -29.84 -6.90
N VAL A 74 3.96 -30.53 -7.59
CA VAL A 74 2.71 -30.94 -6.96
C VAL A 74 2.96 -32.02 -5.92
N SER A 75 3.81 -32.99 -6.24
CA SER A 75 4.07 -34.10 -5.32
C SER A 75 5.02 -33.65 -4.21
N GLY A 76 4.53 -33.64 -2.98
CA GLY A 76 5.36 -33.23 -1.86
C GLY A 76 4.50 -32.85 -0.67
N SER A 77 5.08 -32.01 0.18
CA SER A 77 4.40 -31.50 1.37
C SER A 77 3.85 -30.10 1.17
N ARG A 78 3.60 -29.70 -0.07
CA ARG A 78 3.05 -28.39 -0.36
C ARG A 78 2.40 -28.45 -1.74
N SER A 79 1.52 -27.50 -2.01
CA SER A 79 0.90 -27.37 -3.32
C SER A 79 0.38 -25.96 -3.48
N ASN A 80 0.45 -25.43 -4.70
CA ASN A 80 -0.13 -24.13 -4.97
C ASN A 80 -0.77 -24.15 -6.36
N VAL A 81 -1.74 -23.27 -6.57
CA VAL A 81 -2.40 -23.10 -7.86
C VAL A 81 -2.80 -21.64 -7.97
N PHE A 82 -2.85 -21.11 -9.19
CA PHE A 82 -3.37 -19.76 -9.37
C PHE A 82 -4.25 -19.68 -10.62
N MET A 83 -5.04 -20.71 -10.86
CA MET A 83 -5.87 -20.78 -12.06
C MET A 83 -6.85 -19.62 -12.11
N ARG A 84 -6.73 -18.80 -13.15
CA ARG A 84 -7.62 -17.65 -13.34
C ARG A 84 -8.70 -18.01 -14.36
N PHE A 85 -9.55 -18.96 -13.99
CA PHE A 85 -10.47 -19.55 -14.95
C PHE A 85 -11.71 -18.67 -15.16
N LYS A 86 -12.63 -19.20 -15.96
CA LYS A 86 -13.93 -18.61 -16.26
C LYS A 86 -14.78 -19.73 -16.83
N THR A 87 -16.07 -19.75 -16.54
CA THR A 87 -16.90 -20.88 -16.94
C THR A 87 -18.34 -20.45 -17.08
N THR A 88 -19.12 -21.30 -17.75
CA THR A 88 -20.58 -21.17 -17.83
C THR A 88 -21.22 -22.53 -17.63
N ALA A 89 -20.72 -23.29 -16.65
CA ALA A 89 -21.21 -24.64 -16.42
C ALA A 89 -21.60 -24.87 -14.97
N LYS A 90 -21.88 -26.12 -14.62
CA LYS A 90 -22.22 -26.48 -13.25
C LYS A 90 -21.34 -27.59 -12.70
N ASP A 91 -20.40 -28.11 -13.48
CA ASP A 91 -19.42 -29.08 -13.01
C ASP A 91 -18.14 -28.88 -13.81
N GLY A 92 -17.20 -29.79 -13.64
CA GLY A 92 -15.99 -29.76 -14.44
C GLY A 92 -14.79 -30.20 -13.63
N LEU A 93 -13.65 -30.16 -14.30
CA LEU A 93 -12.38 -30.54 -13.71
C LEU A 93 -11.30 -29.64 -14.30
N LEU A 94 -10.41 -29.13 -13.45
CA LEU A 94 -9.34 -28.26 -13.89
C LEU A 94 -7.94 -28.80 -13.56
N LEU A 95 -7.84 -29.81 -12.71
CA LEU A 95 -6.54 -30.37 -12.34
C LEU A 95 -6.78 -31.72 -11.69
N TRP A 96 -6.17 -32.77 -12.24
CA TRP A 96 -6.43 -34.14 -11.78
C TRP A 96 -5.14 -34.94 -11.70
N ARG A 97 -4.09 -34.37 -11.11
CA ARG A 97 -2.90 -35.19 -10.91
C ARG A 97 -3.20 -36.29 -9.92
N GLY A 98 -3.14 -37.53 -10.37
CA GLY A 98 -3.41 -38.67 -9.51
C GLY A 98 -3.02 -39.96 -10.21
N ASP A 99 -2.36 -40.85 -9.48
CA ASP A 99 -1.85 -42.08 -10.05
C ASP A 99 -3.01 -43.00 -10.42
N SER A 100 -2.70 -44.06 -11.16
CA SER A 100 -3.68 -45.02 -11.67
C SER A 100 -4.66 -45.40 -10.57
N PRO A 101 -5.92 -44.98 -10.66
CA PRO A 101 -6.82 -45.18 -9.53
C PRO A 101 -7.27 -46.63 -9.39
N MET A 102 -6.65 -47.33 -8.44
CA MET A 102 -7.10 -48.62 -7.94
C MET A 102 -8.12 -48.35 -6.85
N ARG A 103 -8.38 -49.34 -5.99
CA ARG A 103 -9.28 -49.22 -4.85
C ARG A 103 -9.21 -47.81 -4.27
N PRO A 104 -10.36 -47.19 -3.94
CA PRO A 104 -10.47 -45.72 -3.96
C PRO A 104 -9.22 -44.91 -3.63
N ASN A 105 -8.47 -45.29 -2.60
CA ASN A 105 -7.27 -44.54 -2.25
C ASN A 105 -6.31 -44.48 -3.45
N SER A 106 -6.13 -43.27 -3.97
CA SER A 106 -5.29 -43.10 -5.16
C SER A 106 -4.46 -41.83 -5.03
N ASP A 107 -4.39 -41.30 -3.81
CA ASP A 107 -3.54 -40.17 -3.48
C ASP A 107 -3.78 -38.98 -4.41
N PHE A 108 -5.06 -38.78 -4.75
CA PHE A 108 -5.45 -37.87 -5.80
C PHE A 108 -5.62 -36.45 -5.25
N ILE A 109 -5.23 -35.46 -6.05
CA ILE A 109 -5.58 -34.06 -5.79
C ILE A 109 -6.64 -33.67 -6.81
N SER A 110 -7.31 -32.54 -6.58
CA SER A 110 -8.38 -32.12 -7.48
C SER A 110 -8.64 -30.63 -7.30
N LEU A 111 -9.33 -30.05 -8.28
CA LEU A 111 -9.92 -28.73 -8.11
C LEU A 111 -11.16 -28.66 -9.01
N GLY A 112 -12.33 -29.01 -8.46
CA GLY A 112 -13.56 -29.06 -9.22
C GLY A 112 -14.35 -27.76 -9.14
N LEU A 113 -15.49 -27.77 -9.82
CA LEU A 113 -16.43 -26.65 -9.77
C LEU A 113 -17.85 -27.20 -9.65
N ARG A 114 -18.05 -28.10 -8.68
CA ARG A 114 -19.36 -28.69 -8.42
C ARG A 114 -20.40 -27.60 -8.17
N ASP A 115 -21.42 -27.54 -9.03
CA ASP A 115 -22.60 -26.68 -8.93
C ASP A 115 -22.28 -25.34 -8.26
N GLY A 116 -21.31 -24.63 -8.83
CA GLY A 116 -20.89 -23.36 -8.25
C GLY A 116 -20.24 -23.50 -6.89
N ALA A 117 -19.44 -24.54 -6.71
CA ALA A 117 -18.73 -24.74 -5.44
C ALA A 117 -17.35 -25.33 -5.74
N LEU A 118 -16.34 -24.46 -5.76
CA LEU A 118 -14.96 -24.91 -5.87
C LEU A 118 -14.64 -25.87 -4.73
N VAL A 119 -14.15 -27.05 -5.06
CA VAL A 119 -13.91 -28.10 -4.06
C VAL A 119 -12.49 -28.62 -4.19
N PHE A 120 -11.57 -28.03 -3.43
CA PHE A 120 -10.24 -28.60 -3.29
C PHE A 120 -10.35 -29.95 -2.60
N SER A 121 -9.92 -31.00 -3.29
CA SER A 121 -10.18 -32.37 -2.85
C SER A 121 -8.90 -33.17 -2.70
N TYR A 122 -7.88 -32.59 -2.06
CA TYR A 122 -6.64 -33.32 -1.86
C TYR A 122 -6.90 -34.54 -0.99
N ASN A 123 -6.24 -35.65 -1.33
CA ASN A 123 -6.38 -36.89 -0.59
C ASN A 123 -5.02 -37.47 -0.28
N LEU A 124 -4.97 -38.26 0.79
CA LEU A 124 -3.76 -39.02 1.13
C LEU A 124 -4.04 -40.51 1.25
N GLY A 125 -5.25 -40.95 0.91
CA GLY A 125 -5.63 -42.35 1.07
C GLY A 125 -6.32 -42.62 2.39
N SER A 126 -5.69 -42.22 3.50
CA SER A 126 -6.28 -42.44 4.82
C SER A 126 -7.43 -41.47 5.09
N GLY A 127 -7.36 -40.26 4.55
CA GLY A 127 -8.39 -39.27 4.81
C GLY A 127 -8.67 -38.35 3.63
N VAL A 128 -9.95 -38.23 3.28
CA VAL A 128 -10.37 -37.39 2.16
C VAL A 128 -10.49 -35.95 2.64
N ALA A 129 -10.58 -35.01 1.71
CA ALA A 129 -10.80 -33.62 2.05
C ALA A 129 -11.77 -33.02 1.05
N SER A 130 -12.73 -32.27 1.55
CA SER A 130 -13.82 -31.78 0.71
C SER A 130 -14.09 -30.30 0.95
N ILE A 131 -13.02 -29.49 0.90
CA ILE A 131 -13.15 -28.06 1.15
C ILE A 131 -14.12 -27.46 0.14
N MET A 132 -14.76 -26.35 0.53
CA MET A 132 -15.81 -25.80 -0.33
C MET A 132 -16.04 -24.31 -0.15
N VAL A 133 -16.38 -23.63 -1.24
CA VAL A 133 -16.87 -22.25 -1.24
C VAL A 133 -18.15 -22.27 -2.06
N ASN A 134 -19.02 -21.28 -1.88
CA ASN A 134 -20.23 -21.21 -2.67
C ASN A 134 -20.54 -19.79 -3.10
N GLY A 135 -21.02 -19.63 -4.33
CA GLY A 135 -21.34 -18.34 -4.88
C GLY A 135 -22.00 -18.42 -6.24
N SER A 136 -21.62 -17.54 -7.15
CA SER A 136 -22.16 -17.49 -8.51
C SER A 136 -21.15 -18.00 -9.53
N PHE A 137 -20.35 -18.99 -9.14
CA PHE A 137 -19.30 -19.48 -10.01
C PHE A 137 -19.81 -20.23 -11.23
N ASN A 138 -21.09 -20.60 -11.24
CA ASN A 138 -21.62 -21.37 -12.36
C ASN A 138 -21.58 -20.57 -13.65
N ASP A 139 -21.91 -19.28 -13.58
CA ASP A 139 -21.95 -18.43 -14.75
C ASP A 139 -21.29 -17.09 -14.43
N GLY A 140 -20.77 -16.44 -15.47
CA GLY A 140 -20.22 -15.12 -15.28
C GLY A 140 -18.86 -14.88 -15.91
N ARG A 141 -17.88 -14.53 -15.07
CA ARG A 141 -16.60 -14.03 -15.54
C ARG A 141 -15.48 -14.62 -14.70
N TRP A 142 -14.30 -14.01 -14.79
CA TRP A 142 -13.07 -14.57 -14.24
C TRP A 142 -13.17 -14.77 -12.72
N HIS A 143 -12.26 -15.60 -12.21
CA HIS A 143 -12.24 -15.97 -10.80
C HIS A 143 -10.81 -16.42 -10.47
N ARG A 144 -10.28 -15.98 -9.33
CA ARG A 144 -8.90 -16.24 -8.96
C ARG A 144 -8.84 -17.24 -7.81
N VAL A 145 -8.31 -18.42 -8.08
CA VAL A 145 -8.21 -19.47 -7.07
C VAL A 145 -6.81 -19.45 -6.46
N LYS A 146 -6.65 -20.03 -5.26
CA LYS A 146 -5.33 -20.32 -4.72
C LYS A 146 -5.42 -21.44 -3.70
N ALA A 147 -5.10 -22.66 -4.09
CA ALA A 147 -5.37 -23.84 -3.26
C ALA A 147 -4.14 -24.29 -2.48
N VAL A 148 -3.65 -23.42 -1.60
CA VAL A 148 -2.45 -23.70 -0.80
C VAL A 148 -2.63 -24.99 -0.02
N ARG A 149 -1.52 -25.69 0.25
CA ARG A 149 -1.53 -26.87 1.12
C ARG A 149 -0.35 -26.79 2.10
N ASP A 150 -0.44 -27.52 3.22
CA ASP A 150 0.71 -27.67 4.12
C ASP A 150 0.96 -29.13 4.47
N GLY A 151 0.68 -30.05 3.56
CA GLY A 151 0.79 -31.45 3.91
C GLY A 151 -0.48 -32.01 4.53
N GLN A 152 -1.15 -31.23 5.39
CA GLN A 152 -2.43 -31.64 5.94
C GLN A 152 -3.49 -30.54 5.97
N SER A 153 -3.13 -29.28 5.70
CA SER A 153 -4.05 -28.16 5.87
C SER A 153 -3.79 -27.11 4.80
N GLY A 154 -4.87 -26.52 4.26
CA GLY A 154 -4.74 -25.47 3.28
C GLY A 154 -6.06 -24.74 3.09
N LYS A 155 -6.00 -23.65 2.33
CA LYS A 155 -7.21 -22.90 2.01
C LYS A 155 -7.79 -23.28 0.64
N ILE A 156 -8.87 -22.62 0.26
CA ILE A 156 -9.40 -22.66 -1.10
C ILE A 156 -9.66 -21.22 -1.56
N THR A 157 -8.85 -20.29 -1.08
CA THR A 157 -9.13 -18.86 -1.16
C THR A 157 -9.63 -18.40 -2.52
N VAL A 158 -10.88 -17.97 -2.58
CA VAL A 158 -11.51 -17.41 -3.77
C VAL A 158 -11.17 -15.92 -3.80
N ASP A 159 -11.56 -15.21 -4.86
CA ASP A 159 -11.22 -13.80 -5.09
C ASP A 159 -11.24 -12.94 -3.84
N ASP A 160 -12.40 -12.78 -3.20
CA ASP A 160 -12.46 -11.99 -1.97
C ASP A 160 -13.35 -12.59 -0.89
N TYR A 161 -14.08 -13.66 -1.17
CA TYR A 161 -14.96 -14.31 -0.21
C TYR A 161 -14.29 -14.46 1.15
N GLY A 162 -13.08 -14.98 1.16
CA GLY A 162 -12.35 -15.17 2.39
C GLY A 162 -11.76 -16.56 2.44
N ALA A 163 -10.73 -16.70 3.27
CA ALA A 163 -9.95 -17.93 3.33
C ALA A 163 -10.70 -19.04 4.04
N ARG A 164 -11.57 -19.75 3.32
CA ARG A 164 -12.32 -20.86 3.92
C ARG A 164 -11.33 -21.99 4.14
N THR A 165 -10.76 -22.05 5.34
CA THR A 165 -9.77 -23.05 5.64
C THR A 165 -10.38 -24.44 5.63
N GLY A 166 -9.55 -25.44 5.38
CA GLY A 166 -10.04 -26.78 5.11
C GLY A 166 -9.37 -27.92 5.84
N LYS A 167 -9.07 -27.75 7.14
CA LYS A 167 -8.39 -28.79 7.90
C LYS A 167 -9.08 -30.13 7.67
N SER A 168 -8.43 -31.07 7.01
CA SER A 168 -9.05 -32.37 6.75
C SER A 168 -8.03 -33.43 6.36
N PRO A 169 -7.18 -33.84 7.29
CA PRO A 169 -6.38 -35.04 7.05
C PRO A 169 -7.07 -36.26 7.61
N GLY A 170 -6.57 -37.46 7.30
CA GLY A 170 -7.07 -38.62 8.03
C GLY A 170 -6.11 -39.17 9.06
N MET A 171 -4.86 -39.44 8.65
CA MET A 171 -3.83 -39.74 9.63
C MET A 171 -2.45 -39.19 9.25
N MET A 172 -2.20 -39.02 7.95
CA MET A 172 -0.84 -38.92 7.45
C MET A 172 -0.71 -37.92 6.31
N ARG A 173 0.52 -37.82 5.81
CA ARG A 173 0.92 -36.79 4.86
C ARG A 173 2.00 -37.36 3.95
N GLN A 174 2.33 -36.59 2.91
CA GLN A 174 3.41 -36.93 1.99
C GLN A 174 3.21 -38.29 1.32
N LEU A 175 2.15 -38.40 0.52
CA LEU A 175 1.96 -39.59 -0.30
C LEU A 175 1.67 -39.28 -1.77
N ASN A 176 1.76 -38.02 -2.19
CA ASN A 176 1.54 -37.66 -3.58
C ASN A 176 2.43 -38.48 -4.49
N ILE A 177 1.82 -39.15 -5.46
CA ILE A 177 2.48 -40.23 -6.19
C ILE A 177 2.28 -40.00 -7.69
N ASN A 178 2.67 -41.00 -8.51
CA ASN A 178 2.91 -40.83 -9.93
C ASN A 178 1.67 -40.44 -10.74
N GLY A 179 1.83 -40.33 -12.04
CA GLY A 179 0.73 -39.95 -12.92
C GLY A 179 0.96 -38.60 -13.57
N ALA A 180 0.28 -38.40 -14.69
CA ALA A 180 0.40 -37.17 -15.47
C ALA A 180 -0.51 -36.10 -14.90
N LEU A 181 -0.20 -34.84 -15.23
CA LEU A 181 -0.92 -33.69 -14.69
C LEU A 181 -1.92 -33.21 -15.73
N TYR A 182 -3.17 -33.67 -15.60
CA TYR A 182 -4.23 -33.26 -16.51
C TYR A 182 -4.83 -31.93 -16.06
N VAL A 183 -4.99 -31.02 -17.02
CA VAL A 183 -5.63 -29.73 -16.78
C VAL A 183 -6.79 -29.59 -17.74
N GLY A 184 -7.95 -29.21 -17.20
CA GLY A 184 -9.13 -29.01 -18.02
C GLY A 184 -9.92 -30.25 -18.33
N GLY A 185 -9.46 -31.41 -17.90
CA GLY A 185 -10.23 -32.62 -18.15
C GLY A 185 -9.33 -33.84 -18.23
N MET A 186 -9.79 -34.82 -19.00
CA MET A 186 -9.12 -36.10 -19.14
C MET A 186 -9.84 -36.81 -20.29
N LYS A 187 -9.09 -37.55 -21.10
CA LYS A 187 -9.65 -38.15 -22.31
C LYS A 187 -10.94 -38.91 -22.00
N GLU A 188 -10.93 -39.73 -20.95
CA GLU A 188 -12.15 -40.32 -20.44
C GLU A 188 -12.06 -40.32 -18.92
N ILE A 189 -13.10 -39.81 -18.27
CA ILE A 189 -13.09 -39.63 -16.83
C ILE A 189 -14.13 -40.47 -16.11
N ALA A 190 -15.16 -40.98 -16.80
CA ALA A 190 -16.17 -41.78 -16.14
C ALA A 190 -15.58 -43.08 -15.61
N LEU A 191 -14.80 -43.78 -16.44
CA LEU A 191 -14.22 -45.05 -16.03
C LEU A 191 -13.25 -44.90 -14.87
N HIS A 192 -12.66 -43.72 -14.70
CA HIS A 192 -11.73 -43.50 -13.59
C HIS A 192 -12.48 -43.57 -12.26
N THR A 193 -11.78 -44.04 -11.23
CA THR A 193 -12.40 -44.35 -9.95
C THR A 193 -13.08 -43.14 -9.32
N ASN A 194 -12.61 -41.92 -9.63
CA ASN A 194 -13.22 -40.72 -9.06
C ASN A 194 -14.71 -40.67 -9.39
N ARG A 195 -15.04 -40.62 -10.67
CA ARG A 195 -16.43 -40.65 -11.15
C ARG A 195 -17.28 -39.53 -10.56
N GLN A 196 -16.67 -38.38 -10.28
CA GLN A 196 -17.44 -37.21 -9.87
C GLN A 196 -17.48 -36.12 -10.93
N TYR A 197 -16.39 -35.90 -11.64
CA TYR A 197 -16.32 -34.82 -12.64
C TYR A 197 -16.63 -35.36 -14.03
N MET A 198 -17.77 -36.04 -14.14
CA MET A 198 -18.09 -36.72 -15.38
C MET A 198 -18.45 -35.78 -16.52
N ARG A 199 -18.65 -34.49 -16.25
CA ARG A 199 -18.93 -33.53 -17.31
C ARG A 199 -18.51 -32.14 -16.84
N GLY A 200 -18.94 -31.11 -17.55
CA GLY A 200 -18.62 -29.75 -17.18
C GLY A 200 -17.24 -29.29 -17.56
N LEU A 201 -16.59 -29.98 -18.49
CA LEU A 201 -15.18 -29.74 -18.79
C LEU A 201 -15.00 -28.53 -19.69
N VAL A 202 -15.64 -27.40 -19.34
CA VAL A 202 -15.61 -26.23 -20.22
C VAL A 202 -14.94 -25.08 -19.49
N GLY A 203 -14.84 -23.95 -20.17
CA GLY A 203 -14.25 -22.76 -19.60
C GLY A 203 -13.24 -22.13 -20.54
N CYS A 204 -12.60 -21.08 -20.05
CA CYS A 204 -11.54 -20.39 -20.79
C CYS A 204 -10.44 -20.08 -19.78
N ILE A 205 -9.51 -21.01 -19.62
CA ILE A 205 -8.54 -20.98 -18.53
C ILE A 205 -7.44 -19.98 -18.83
N SER A 206 -6.66 -19.62 -17.82
CA SER A 206 -5.62 -18.60 -17.93
C SER A 206 -4.47 -18.90 -16.98
N HIS A 207 -3.74 -17.85 -16.58
CA HIS A 207 -2.51 -17.91 -15.80
C HIS A 207 -2.50 -19.06 -14.79
N PHE A 208 -1.43 -19.84 -14.75
CA PHE A 208 -1.42 -21.09 -13.99
C PHE A 208 -0.08 -21.26 -13.25
N THR A 209 0.37 -20.23 -12.55
CA THR A 209 1.70 -20.27 -11.93
C THR A 209 1.67 -21.25 -10.76
N LEU A 210 2.16 -22.46 -11.00
CA LEU A 210 2.17 -23.50 -9.97
C LEU A 210 3.35 -23.32 -9.03
N SER A 211 3.13 -23.66 -7.76
CA SER A 211 4.15 -23.66 -6.72
C SER A 211 4.83 -22.30 -6.56
N THR A 212 4.09 -21.24 -6.88
CA THR A 212 4.42 -19.83 -6.65
C THR A 212 5.71 -19.40 -7.35
N ASP A 213 6.37 -20.34 -8.03
CA ASP A 213 7.53 -20.01 -8.85
C ASP A 213 7.33 -20.39 -10.30
N TYR A 214 6.97 -21.64 -10.58
CA TYR A 214 7.04 -22.17 -11.93
C TYR A 214 5.84 -21.70 -12.74
N HIS A 215 5.97 -20.51 -13.34
CA HIS A 215 4.98 -20.06 -14.31
C HIS A 215 4.91 -21.05 -15.46
N ILE A 216 3.69 -21.44 -15.83
CA ILE A 216 3.49 -22.48 -16.83
C ILE A 216 2.65 -21.93 -17.96
N SER A 217 3.01 -22.28 -19.19
CA SER A 217 2.19 -22.03 -20.36
C SER A 217 1.40 -23.29 -20.67
N LEU A 218 0.13 -23.11 -21.04
CA LEU A 218 -0.80 -24.22 -21.09
C LEU A 218 -0.85 -24.93 -22.44
N VAL A 219 -0.12 -24.44 -23.44
CA VAL A 219 -0.06 -25.13 -24.73
C VAL A 219 1.40 -25.41 -25.08
N GLU A 220 2.31 -24.62 -24.53
CA GLU A 220 3.73 -24.75 -24.85
C GLU A 220 4.38 -25.96 -24.21
N ASP A 221 3.75 -26.56 -23.21
CA ASP A 221 4.35 -27.69 -22.49
C ASP A 221 3.45 -28.92 -22.48
N ALA A 222 2.46 -28.98 -23.36
CA ALA A 222 1.52 -30.08 -23.37
C ALA A 222 1.84 -31.03 -24.52
N VAL A 223 1.03 -32.09 -24.66
CA VAL A 223 1.20 -33.04 -25.75
C VAL A 223 -0.15 -33.33 -26.41
N ASP A 224 -1.25 -32.93 -25.76
CA ASP A 224 -2.58 -33.21 -26.28
C ASP A 224 -3.46 -31.98 -26.26
N GLY A 225 -4.76 -32.15 -26.52
CA GLY A 225 -5.73 -31.08 -26.41
C GLY A 225 -6.41 -30.73 -27.72
N LYS A 226 -7.01 -29.53 -27.74
CA LYS A 226 -7.67 -29.01 -28.93
C LYS A 226 -8.11 -27.58 -28.70
N ASN A 227 -8.39 -26.89 -29.81
CA ASN A 227 -9.25 -25.71 -29.87
C ASN A 227 -8.74 -24.59 -28.95
N ILE A 228 -7.61 -24.01 -29.37
CA ILE A 228 -6.99 -22.96 -28.59
C ILE A 228 -7.87 -21.72 -28.47
N ASN A 229 -8.66 -21.40 -29.50
CA ASN A 229 -9.28 -20.08 -29.52
C ASN A 229 -10.80 -20.19 -29.71
N THR A 230 -11.43 -19.02 -29.72
CA THR A 230 -12.87 -18.83 -29.96
C THR A 230 -13.73 -19.51 -28.88
N CYS A 231 -13.63 -18.95 -27.67
CA CYS A 231 -14.64 -19.26 -26.65
C CYS A 231 -15.51 -18.04 -26.40
N ILE B 54 -18.35 1.03 -28.31
CA ILE B 54 -18.51 -0.33 -28.79
C ILE B 54 -17.20 -1.10 -28.64
N PRO B 55 -17.19 -2.13 -27.80
CA PRO B 55 -16.06 -3.06 -27.81
C PRO B 55 -15.92 -3.71 -29.18
N GLN B 56 -14.69 -4.03 -29.53
CA GLN B 56 -14.38 -4.89 -30.68
C GLN B 56 -14.73 -4.22 -32.02
N PHE B 57 -14.16 -3.03 -32.24
CA PHE B 57 -14.15 -2.43 -33.57
C PHE B 57 -13.37 -3.31 -34.55
N ILE B 58 -13.82 -3.34 -35.81
CA ILE B 58 -13.08 -4.07 -36.84
C ILE B 58 -12.74 -3.15 -38.01
N GLY B 59 -13.55 -2.12 -38.26
CA GLY B 59 -13.38 -1.32 -39.45
C GLY B 59 -13.46 0.16 -39.20
N ARG B 60 -14.30 0.86 -39.98
CA ARG B 60 -14.53 2.28 -39.78
C ARG B 60 -15.65 2.55 -38.81
N SER B 61 -15.93 1.60 -37.92
CA SER B 61 -17.03 1.72 -36.97
C SER B 61 -16.90 2.98 -36.12
N TYR B 62 -17.82 3.91 -36.31
CA TYR B 62 -17.85 5.14 -35.53
C TYR B 62 -18.93 5.02 -34.46
N LEU B 63 -19.02 6.05 -33.62
CA LEU B 63 -19.94 6.03 -32.49
C LEU B 63 -20.13 7.45 -31.97
N THR B 64 -21.38 7.90 -31.95
CA THR B 64 -21.73 9.23 -31.48
C THR B 64 -22.45 9.14 -30.15
N TYR B 65 -22.66 10.29 -29.51
CA TYR B 65 -23.28 10.34 -28.20
C TYR B 65 -24.29 11.48 -28.14
N ASP B 66 -25.30 11.31 -27.29
CA ASP B 66 -26.45 12.20 -27.23
C ASP B 66 -26.69 12.80 -25.85
N ASN B 67 -26.39 12.06 -24.78
CA ASN B 67 -26.77 12.47 -23.43
C ASN B 67 -26.17 13.82 -23.07
N PRO B 68 -26.97 14.77 -22.57
CA PRO B 68 -26.44 16.10 -22.25
C PRO B 68 -25.51 16.11 -21.05
N ASP B 69 -25.32 14.98 -20.38
CA ASP B 69 -24.32 14.90 -19.31
C ASP B 69 -22.94 14.57 -19.86
N ILE B 70 -22.87 13.68 -20.85
CA ILE B 70 -21.62 13.44 -21.56
C ILE B 70 -21.19 14.68 -22.33
N LEU B 71 -22.15 15.45 -22.84
CA LEU B 71 -21.84 16.64 -23.62
C LEU B 71 -21.30 17.77 -22.77
N LYS B 72 -21.34 17.65 -21.45
CA LYS B 72 -21.00 18.79 -20.59
C LYS B 72 -19.72 18.59 -19.79
N ARG B 73 -19.40 17.38 -19.36
CA ARG B 73 -18.19 17.17 -18.57
C ARG B 73 -16.92 17.46 -19.36
N VAL B 74 -16.93 17.21 -20.66
CA VAL B 74 -15.76 17.53 -21.48
C VAL B 74 -15.60 19.04 -21.62
N SER B 75 -16.71 19.75 -21.83
CA SER B 75 -16.64 21.19 -22.04
C SER B 75 -16.48 21.90 -20.70
N GLY B 76 -15.34 22.56 -20.52
CA GLY B 76 -15.09 23.27 -19.28
C GLY B 76 -13.61 23.54 -19.09
N SER B 77 -13.22 23.69 -17.83
CA SER B 77 -11.83 23.93 -17.46
C SER B 77 -11.14 22.66 -16.97
N ARG B 78 -11.63 21.49 -17.34
CA ARG B 78 -11.03 20.23 -16.95
C ARG B 78 -11.47 19.18 -17.95
N SER B 79 -10.73 18.07 -18.00
CA SER B 79 -11.08 16.93 -18.83
C SER B 79 -10.39 15.70 -18.28
N ASN B 80 -11.05 14.55 -18.37
CA ASN B 80 -10.42 13.30 -18.00
C ASN B 80 -10.86 12.21 -18.96
N VAL B 81 -10.04 11.17 -19.09
CA VAL B 81 -10.35 10.00 -19.91
C VAL B 81 -9.69 8.81 -19.24
N PHE B 82 -10.26 7.62 -19.41
CA PHE B 82 -9.60 6.42 -18.93
C PHE B 82 -9.76 5.28 -19.93
N MET B 83 -9.66 5.59 -21.21
CA MET B 83 -9.86 4.60 -22.26
C MET B 83 -8.84 3.47 -22.13
N ARG B 84 -9.34 2.26 -21.93
CA ARG B 84 -8.48 1.06 -21.82
C ARG B 84 -8.47 0.32 -23.16
N PHE B 85 -7.92 0.96 -24.17
CA PHE B 85 -8.07 0.45 -25.52
C PHE B 85 -7.06 -0.66 -25.82
N LYS B 86 -7.07 -1.11 -27.07
CA LYS B 86 -6.16 -2.09 -27.64
C LYS B 86 -6.27 -1.97 -29.15
N THR B 87 -5.16 -2.14 -29.86
CA THR B 87 -5.17 -1.88 -31.29
C THR B 87 -4.09 -2.69 -31.99
N THR B 88 -4.22 -2.79 -33.31
CA THR B 88 -3.20 -3.38 -34.18
C THR B 88 -3.03 -2.50 -35.41
N ALA B 89 -2.99 -1.18 -35.20
CA ALA B 89 -2.91 -0.24 -36.32
C ALA B 89 -1.78 0.76 -36.14
N LYS B 90 -1.73 1.76 -37.02
CA LYS B 90 -0.73 2.81 -36.92
C LYS B 90 -1.35 4.21 -36.88
N ASP B 91 -2.67 4.33 -36.93
CA ASP B 91 -3.35 5.60 -36.75
C ASP B 91 -4.70 5.32 -36.12
N GLY B 92 -5.55 6.34 -36.05
CA GLY B 92 -6.90 6.15 -35.58
C GLY B 92 -7.38 7.35 -34.79
N LEU B 93 -8.61 7.23 -34.30
CA LEU B 93 -9.24 8.26 -33.50
C LEU B 93 -10.10 7.58 -32.46
N LEU B 94 -10.04 8.06 -31.22
CA LEU B 94 -10.83 7.49 -30.14
C LEU B 94 -11.76 8.49 -29.48
N LEU B 95 -11.60 9.79 -29.74
CA LEU B 95 -12.45 10.80 -29.13
C LEU B 95 -12.28 12.08 -29.92
N TRP B 96 -13.38 12.63 -30.44
CA TRP B 96 -13.31 13.79 -31.32
C TRP B 96 -14.42 14.79 -31.00
N ARG B 97 -14.62 15.10 -29.73
CA ARG B 97 -15.58 16.15 -29.42
C ARG B 97 -15.07 17.48 -29.95
N GLY B 98 -15.77 18.05 -30.92
CA GLY B 98 -15.38 19.32 -31.49
C GLY B 98 -16.48 19.86 -32.38
N ASP B 99 -16.76 21.15 -32.25
CA ASP B 99 -17.85 21.78 -32.97
C ASP B 99 -17.54 21.82 -34.46
N SER B 100 -18.56 22.15 -35.26
CA SER B 100 -18.47 22.18 -36.72
C SER B 100 -17.20 22.88 -37.15
N PRO B 101 -16.23 22.15 -37.72
CA PRO B 101 -14.93 22.76 -37.97
C PRO B 101 -14.96 23.71 -39.16
N MET B 102 -15.00 25.00 -38.85
CA MET B 102 -14.76 26.08 -39.79
C MET B 102 -13.26 26.32 -39.83
N ARG B 103 -12.84 27.50 -40.30
CA ARG B 103 -11.43 27.89 -40.36
C ARG B 103 -10.69 27.33 -39.15
N PRO B 104 -9.47 26.76 -39.33
CA PRO B 104 -8.97 25.71 -38.44
C PRO B 104 -9.40 25.75 -36.98
N ASN B 105 -9.39 26.92 -36.34
CA ASN B 105 -9.79 27.00 -34.94
C ASN B 105 -11.20 26.46 -34.76
N SER B 106 -11.32 25.33 -34.06
CA SER B 106 -12.60 24.67 -33.89
C SER B 106 -12.74 24.14 -32.47
N ASP B 107 -11.85 24.60 -31.59
CA ASP B 107 -11.90 24.30 -30.16
C ASP B 107 -11.97 22.79 -29.92
N PHE B 108 -11.21 22.05 -30.73
CA PHE B 108 -11.32 20.60 -30.79
C PHE B 108 -10.43 19.95 -29.73
N ILE B 109 -10.92 18.85 -29.16
CA ILE B 109 -10.08 17.96 -28.36
C ILE B 109 -9.85 16.69 -29.16
N SER B 110 -8.89 15.87 -28.76
CA SER B 110 -8.58 14.67 -29.53
C SER B 110 -7.84 13.68 -28.64
N LEU B 111 -7.80 12.43 -29.08
CA LEU B 111 -6.87 11.44 -28.53
C LEU B 111 -6.54 10.43 -29.63
N GLY B 112 -5.46 10.69 -30.38
CA GLY B 112 -5.10 9.86 -31.50
C GLY B 112 -4.10 8.78 -31.11
N LEU B 113 -3.71 7.99 -32.11
CA LEU B 113 -2.68 6.97 -31.96
C LEU B 113 -1.75 7.00 -33.17
N ARG B 114 -1.26 8.20 -33.51
CA ARG B 114 -0.36 8.38 -34.63
C ARG B 114 0.87 7.50 -34.48
N ASP B 115 1.06 6.57 -35.43
CA ASP B 115 2.23 5.69 -35.56
C ASP B 115 2.83 5.31 -34.21
N GLY B 116 2.00 4.73 -33.35
CA GLY B 116 2.45 4.37 -32.03
C GLY B 116 2.81 5.56 -31.16
N ALA B 117 2.04 6.64 -31.26
CA ALA B 117 2.29 7.83 -30.44
C ALA B 117 0.95 8.44 -30.07
N LEU B 118 0.47 8.13 -28.86
CA LEU B 118 -0.71 8.79 -28.33
C LEU B 118 -0.49 10.30 -28.30
N VAL B 119 -1.42 11.04 -28.89
CA VAL B 119 -1.27 12.49 -29.04
C VAL B 119 -2.52 13.20 -28.52
N PHE B 120 -2.52 13.57 -27.25
CA PHE B 120 -3.53 14.45 -26.71
C PHE B 120 -3.43 15.80 -27.41
N SER B 121 -4.49 16.19 -28.10
CA SER B 121 -4.43 17.35 -29.00
C SER B 121 -5.49 18.39 -28.65
N TYR B 122 -5.63 18.71 -27.37
CA TYR B 122 -6.60 19.73 -26.98
C TYR B 122 -6.24 21.06 -27.61
N ASN B 123 -7.25 21.79 -28.04
CA ASN B 123 -7.05 23.10 -28.66
C ASN B 123 -7.99 24.12 -28.05
N LEU B 124 -7.59 25.38 -28.12
CA LEU B 124 -8.46 26.49 -27.72
C LEU B 124 -8.64 27.51 -28.83
N GLY B 125 -8.12 27.23 -30.03
CA GLY B 125 -8.17 28.17 -31.12
C GLY B 125 -6.93 29.03 -31.22
N SER B 126 -6.55 29.68 -30.12
CA SER B 126 -5.35 30.52 -30.12
C SER B 126 -4.08 29.69 -30.10
N GLY B 127 -4.10 28.52 -29.47
CA GLY B 127 -2.91 27.70 -29.37
C GLY B 127 -3.18 26.20 -29.41
N VAL B 128 -2.47 25.51 -30.29
CA VAL B 128 -2.62 24.06 -30.45
C VAL B 128 -1.80 23.36 -29.37
N ALA B 129 -2.04 22.07 -29.17
CA ALA B 129 -1.25 21.26 -28.26
C ALA B 129 -1.03 19.90 -28.89
N SER B 130 0.21 19.42 -28.81
CA SER B 130 0.60 18.21 -29.52
C SER B 130 1.39 17.27 -28.61
N ILE B 131 0.84 17.00 -27.42
CA ILE B 131 1.52 16.15 -26.46
C ILE B 131 1.75 14.77 -27.08
N MET B 132 2.79 14.07 -26.60
CA MET B 132 3.15 12.81 -27.25
C MET B 132 3.88 11.84 -26.33
N VAL B 133 3.64 10.55 -26.53
CA VAL B 133 4.39 9.44 -25.94
C VAL B 133 4.78 8.54 -27.10
N ASN B 134 5.81 7.72 -26.92
CA ASN B 134 6.19 6.78 -27.97
C ASN B 134 6.56 5.42 -27.39
N GLY B 135 6.16 4.36 -28.08
CA GLY B 135 6.43 3.01 -27.65
C GLY B 135 6.02 1.97 -28.67
N SER B 136 5.43 0.87 -28.20
CA SER B 136 4.96 -0.21 -29.06
C SER B 136 3.44 -0.23 -29.16
N PHE B 137 2.82 0.95 -29.15
CA PHE B 137 1.37 1.03 -29.15
C PHE B 137 0.74 0.57 -30.45
N ASN B 138 1.53 0.44 -31.52
CA ASN B 138 0.96 0.07 -32.80
C ASN B 138 0.35 -1.33 -32.76
N ASP B 139 1.02 -2.26 -32.10
CA ASP B 139 0.55 -3.63 -32.03
C ASP B 139 0.68 -4.14 -30.60
N GLY B 140 -0.13 -5.12 -30.25
CA GLY B 140 -0.02 -5.75 -28.95
C GLY B 140 -1.30 -5.91 -28.18
N ARG B 141 -1.36 -5.31 -26.99
CA ARG B 141 -2.42 -5.58 -26.01
C ARG B 141 -2.86 -4.27 -25.36
N TRP B 142 -3.57 -4.40 -24.25
CA TRP B 142 -4.25 -3.27 -23.62
C TRP B 142 -3.29 -2.17 -23.20
N HIS B 143 -3.85 -0.99 -22.97
CA HIS B 143 -3.09 0.21 -22.64
C HIS B 143 -4.02 1.16 -21.91
N ARG B 144 -3.54 1.77 -20.82
CA ARG B 144 -4.36 2.61 -19.96
C ARG B 144 -3.97 4.07 -20.13
N VAL B 145 -4.88 4.87 -20.68
CA VAL B 145 -4.63 6.29 -20.90
C VAL B 145 -5.22 7.09 -19.76
N LYS B 146 -4.75 8.32 -19.56
CA LYS B 146 -5.43 9.28 -18.70
C LYS B 146 -5.06 10.71 -19.07
N ALA B 147 -5.90 11.39 -19.84
CA ALA B 147 -5.53 12.66 -20.46
C ALA B 147 -6.04 13.86 -19.67
N VAL B 148 -5.57 13.99 -18.43
CA VAL B 148 -6.00 15.06 -17.54
C VAL B 148 -5.76 16.42 -18.20
N ARG B 149 -6.58 17.41 -17.84
CA ARG B 149 -6.38 18.79 -18.27
C ARG B 149 -6.57 19.74 -17.08
N ASP B 150 -6.03 20.95 -17.18
CA ASP B 150 -6.30 22.00 -16.19
C ASP B 150 -6.70 23.31 -16.84
N GLY B 151 -7.35 23.27 -18.00
CA GLY B 151 -7.63 24.49 -18.71
C GLY B 151 -6.51 24.90 -19.65
N GLN B 152 -5.25 24.73 -19.21
CA GLN B 152 -4.11 24.99 -20.08
C GLN B 152 -3.02 23.93 -20.02
N SER B 153 -3.06 23.00 -19.07
CA SER B 153 -1.97 22.07 -18.85
C SER B 153 -2.51 20.71 -18.42
N GLY B 154 -1.91 19.63 -18.93
CA GLY B 154 -2.30 18.30 -18.54
C GLY B 154 -1.27 17.27 -18.98
N LYS B 155 -1.47 16.03 -18.52
CA LYS B 155 -0.59 14.95 -18.93
C LYS B 155 -1.17 14.14 -20.08
N ILE B 156 -0.43 13.09 -20.49
CA ILE B 156 -0.93 12.07 -21.40
C ILE B 156 -0.62 10.69 -20.80
N THR B 157 -0.60 10.61 -19.47
CA THR B 157 -0.03 9.49 -18.74
C THR B 157 -0.40 8.13 -19.30
N VAL B 158 0.58 7.42 -19.84
CA VAL B 158 0.44 6.05 -20.33
C VAL B 158 0.63 5.11 -19.14
N ASP B 159 0.44 3.81 -19.35
CA ASP B 159 0.49 2.79 -18.30
C ASP B 159 1.55 3.02 -17.24
N ASP B 160 2.84 2.98 -17.61
CA ASP B 160 3.90 3.23 -16.65
C ASP B 160 5.04 4.10 -17.17
N TYR B 161 5.05 4.42 -18.46
CA TYR B 161 6.09 5.24 -19.07
C TYR B 161 6.43 6.45 -18.21
N GLY B 162 5.42 7.17 -17.77
CA GLY B 162 5.63 8.34 -16.93
C GLY B 162 4.82 9.51 -17.46
N ALA B 163 4.59 10.46 -16.57
CA ALA B 163 3.70 11.57 -16.87
C ALA B 163 4.35 12.59 -17.80
N ARG B 164 4.30 12.33 -19.10
CA ARG B 164 4.87 13.27 -20.07
C ARG B 164 3.97 14.49 -20.10
N THR B 165 4.31 15.49 -19.30
CA THR B 165 3.49 16.69 -19.21
C THR B 165 3.50 17.45 -20.52
N GLY B 166 2.45 18.22 -20.76
CA GLY B 166 2.23 18.82 -22.05
C GLY B 166 1.87 20.29 -22.09
N LYS B 167 2.53 21.11 -21.28
CA LYS B 167 2.23 22.54 -21.22
C LYS B 167 2.16 23.09 -22.64
N SER B 168 0.99 23.50 -23.11
CA SER B 168 0.88 24.03 -24.46
C SER B 168 -0.42 24.82 -24.67
N PRO B 169 -0.55 25.97 -24.03
CA PRO B 169 -1.64 26.87 -24.40
C PRO B 169 -1.15 27.88 -25.43
N GLY B 170 -2.07 28.65 -26.03
CA GLY B 170 -1.60 29.77 -26.82
C GLY B 170 -1.80 31.12 -26.16
N MET B 171 -3.02 31.42 -25.72
CA MET B 171 -3.22 32.58 -24.86
C MET B 171 -4.27 32.36 -23.77
N MET B 172 -5.22 31.46 -24.01
CA MET B 172 -6.48 31.47 -23.27
C MET B 172 -6.99 30.07 -22.98
N ARG B 173 -8.16 30.04 -22.34
CA ARG B 173 -8.74 28.82 -21.78
C ARG B 173 -10.25 28.93 -21.83
N GLN B 174 -10.91 27.82 -21.52
CA GLN B 174 -12.37 27.78 -21.42
C GLN B 174 -13.06 28.20 -22.71
N LEU B 175 -12.86 27.44 -23.78
CA LEU B 175 -13.61 27.65 -25.02
C LEU B 175 -14.24 26.39 -25.57
N ASN B 176 -14.19 25.26 -24.85
CA ASN B 176 -14.81 24.03 -25.31
C ASN B 176 -16.27 24.26 -25.65
N ILE B 177 -16.66 23.89 -26.86
CA ILE B 177 -17.92 24.35 -27.45
C ILE B 177 -18.66 23.15 -28.03
N ASN B 178 -19.75 23.41 -28.76
CA ASN B 178 -20.79 22.43 -29.06
C ASN B 178 -20.30 21.26 -29.91
N GLY B 179 -21.21 20.36 -30.26
CA GLY B 179 -20.88 19.19 -31.05
C GLY B 179 -21.04 17.90 -30.27
N ALA B 180 -21.21 16.82 -31.02
CA ALA B 180 -21.42 15.50 -30.43
C ALA B 180 -20.09 14.85 -30.08
N LEU B 181 -20.14 13.87 -29.19
CA LEU B 181 -18.94 13.22 -28.68
C LEU B 181 -18.74 11.90 -29.41
N TYR B 182 -17.91 11.93 -30.45
CA TYR B 182 -17.62 10.73 -31.23
C TYR B 182 -16.51 9.93 -30.55
N VAL B 183 -16.73 8.63 -30.43
CA VAL B 183 -15.73 7.71 -29.89
C VAL B 183 -15.47 6.62 -30.92
N GLY B 184 -14.20 6.36 -31.20
CA GLY B 184 -13.82 5.33 -32.13
C GLY B 184 -13.82 5.75 -33.58
N GLY B 185 -14.24 6.96 -33.89
CA GLY B 185 -14.21 7.40 -35.28
C GLY B 185 -15.26 8.46 -35.54
N MET B 186 -15.73 8.48 -36.79
CA MET B 186 -16.68 9.47 -37.26
C MET B 186 -17.12 8.98 -38.64
N LYS B 187 -18.40 9.19 -38.98
CA LYS B 187 -18.94 8.63 -40.21
C LYS B 187 -18.06 8.97 -41.41
N GLU B 188 -17.64 10.22 -41.52
CA GLU B 188 -16.63 10.61 -42.48
C GLU B 188 -15.72 11.64 -41.83
N ILE B 189 -14.42 11.40 -41.89
CA ILE B 189 -13.46 12.23 -41.19
C ILE B 189 -12.51 12.98 -42.14
N ALA B 190 -12.38 12.56 -43.39
CA ALA B 190 -11.48 13.24 -44.31
C ALA B 190 -11.96 14.67 -44.58
N LEU B 191 -13.24 14.83 -44.88
CA LEU B 191 -13.78 16.15 -45.19
C LEU B 191 -13.69 17.11 -44.00
N HIS B 192 -13.65 16.58 -42.78
CA HIS B 192 -13.52 17.44 -41.61
C HIS B 192 -12.17 18.14 -41.60
N THR B 193 -12.16 19.36 -41.05
CA THR B 193 -10.99 20.24 -41.14
C THR B 193 -9.75 19.61 -40.53
N ASN B 194 -9.91 18.72 -39.54
CA ASN B 194 -8.76 18.08 -38.92
C ASN B 194 -7.89 17.38 -39.97
N ARG B 195 -8.45 16.39 -40.65
CA ARG B 195 -7.78 15.69 -41.76
C ARG B 195 -6.46 15.06 -41.32
N GLN B 196 -6.37 14.63 -40.06
CA GLN B 196 -5.21 13.86 -39.61
C GLN B 196 -5.53 12.40 -39.34
N TYR B 197 -6.69 12.10 -38.77
CA TYR B 197 -7.04 10.73 -38.42
C TYR B 197 -7.86 10.08 -39.52
N MET B 198 -7.35 10.14 -40.74
CA MET B 198 -8.11 9.69 -41.90
C MET B 198 -8.30 8.18 -41.94
N ARG B 199 -7.59 7.41 -41.13
CA ARG B 199 -7.77 5.97 -41.09
C ARG B 199 -7.36 5.46 -39.72
N GLY B 200 -7.19 4.14 -39.59
CA GLY B 200 -6.77 3.54 -38.34
C GLY B 200 -7.86 3.40 -37.31
N LEU B 201 -9.12 3.45 -37.72
CA LEU B 201 -10.24 3.51 -36.78
C LEU B 201 -10.57 2.14 -36.23
N VAL B 202 -9.57 1.40 -35.75
CA VAL B 202 -9.78 0.02 -35.31
C VAL B 202 -9.44 -0.09 -33.83
N GLY B 203 -9.61 -1.28 -33.29
CA GLY B 203 -9.31 -1.55 -31.90
C GLY B 203 -10.44 -2.30 -31.22
N CYS B 204 -10.26 -2.51 -29.92
CA CYS B 204 -11.27 -3.16 -29.09
C CYS B 204 -11.32 -2.37 -27.78
N ILE B 205 -12.16 -1.33 -27.74
CA ILE B 205 -12.14 -0.35 -26.67
C ILE B 205 -12.81 -0.91 -25.43
N SER B 206 -12.62 -0.25 -24.28
CA SER B 206 -13.10 -0.72 -22.99
C SER B 206 -13.41 0.47 -22.08
N HIS B 207 -13.37 0.23 -20.77
CA HIS B 207 -13.76 1.16 -19.71
C HIS B 207 -13.46 2.62 -20.07
N PHE B 208 -14.44 3.49 -19.88
CA PHE B 208 -14.34 4.86 -20.39
C PHE B 208 -14.87 5.87 -19.37
N THR B 209 -14.43 5.76 -18.12
CA THR B 209 -14.99 6.60 -17.05
C THR B 209 -14.52 8.04 -17.25
N LEU B 210 -15.38 8.86 -17.83
CA LEU B 210 -15.05 10.25 -18.10
C LEU B 210 -15.24 11.12 -16.86
N SER B 211 -14.37 12.12 -16.72
CA SER B 211 -14.44 13.12 -15.65
C SER B 211 -14.41 12.49 -14.27
N THR B 212 -13.76 11.32 -14.16
CA THR B 212 -13.42 10.60 -12.93
C THR B 212 -14.65 10.24 -12.10
N ASP B 213 -15.84 10.63 -12.56
CA ASP B 213 -17.09 10.21 -11.93
C ASP B 213 -17.99 9.45 -12.89
N TYR B 214 -18.28 10.01 -14.05
CA TYR B 214 -19.36 9.52 -14.91
C TYR B 214 -18.88 8.29 -15.67
N HIS B 215 -19.00 7.11 -15.05
CA HIS B 215 -18.77 5.87 -15.76
C HIS B 215 -19.75 5.76 -16.92
N ILE B 216 -19.25 5.43 -18.10
CA ILE B 216 -20.05 5.42 -19.31
C ILE B 216 -20.00 4.03 -19.93
N SER B 217 -21.15 3.58 -20.42
CA SER B 217 -21.23 2.38 -21.25
C SER B 217 -21.25 2.81 -22.71
N LEU B 218 -20.53 2.07 -23.55
CA LEU B 218 -20.24 2.52 -24.89
C LEU B 218 -21.28 2.08 -25.92
N VAL B 219 -22.29 1.32 -25.52
CA VAL B 219 -23.36 0.95 -26.45
C VAL B 219 -24.69 1.36 -25.86
N GLU B 220 -24.76 1.45 -24.53
CA GLU B 220 -26.01 1.75 -23.85
C GLU B 220 -26.42 3.20 -23.97
N ASP B 221 -25.52 4.10 -24.37
CA ASP B 221 -25.83 5.51 -24.45
C ASP B 221 -25.57 6.09 -25.83
N ALA B 222 -25.43 5.27 -26.85
CA ALA B 222 -25.11 5.72 -28.19
C ALA B 222 -26.35 5.73 -29.07
N VAL B 223 -26.18 6.11 -30.33
CA VAL B 223 -27.28 6.09 -31.29
C VAL B 223 -26.84 5.45 -32.59
N ASP B 224 -25.53 5.28 -32.78
CA ASP B 224 -25.00 4.73 -34.03
C ASP B 224 -23.98 3.62 -33.76
N GLY B 225 -23.28 3.19 -34.80
CA GLY B 225 -22.19 2.23 -34.67
C GLY B 225 -22.44 0.92 -35.40
N LYS B 226 -21.68 -0.09 -34.99
CA LYS B 226 -21.81 -1.44 -35.55
C LYS B 226 -20.91 -2.41 -34.79
N ASN B 227 -21.21 -3.70 -34.95
CA ASN B 227 -20.27 -4.80 -34.75
C ASN B 227 -19.72 -4.81 -33.32
N ILE B 228 -20.61 -5.15 -32.38
CA ILE B 228 -20.25 -5.17 -30.97
C ILE B 228 -19.16 -6.21 -30.68
N ASN B 229 -19.17 -7.35 -31.36
CA ASN B 229 -18.34 -8.46 -30.92
C ASN B 229 -17.41 -8.96 -32.02
N THR B 230 -16.62 -9.97 -31.66
CA THR B 230 -15.69 -10.68 -32.55
C THR B 230 -14.61 -9.75 -33.10
N CYS B 231 -13.73 -9.30 -32.20
CA CYS B 231 -12.47 -8.73 -32.65
C CYS B 231 -11.32 -9.67 -32.30
N GLY C 55 40.29 -4.60 9.19
CA GLY C 55 41.33 -3.90 9.93
C GLY C 55 40.87 -3.40 11.28
N ALA C 56 41.81 -3.28 12.21
CA ALA C 56 41.50 -2.79 13.55
C ALA C 56 42.51 -1.73 13.95
N GLU C 57 43.66 -1.72 13.30
CA GLU C 57 44.68 -0.72 13.60
C GLU C 57 44.14 0.68 13.38
N ALA C 58 43.44 0.90 12.27
CA ALA C 58 42.83 2.19 11.99
C ALA C 58 41.48 2.31 12.67
N ALA C 59 40.74 1.19 12.75
CA ALA C 59 39.40 1.19 13.32
C ALA C 59 39.41 1.79 14.71
N LEU C 60 40.27 1.29 15.60
CA LEU C 60 40.33 1.83 16.94
C LEU C 60 40.74 3.29 16.92
N ALA C 61 41.82 3.60 16.19
CA ALA C 61 42.27 4.98 16.13
C ALA C 61 41.37 5.78 15.21
N TYR C 62 40.23 5.20 14.83
CA TYR C 62 39.11 5.98 14.33
C TYR C 62 38.08 6.30 15.38
N LEU C 63 37.90 5.43 16.38
CA LEU C 63 37.09 5.80 17.53
C LEU C 63 37.70 7.01 18.23
N TYR C 64 38.90 6.84 18.79
CA TYR C 64 39.52 7.89 19.60
C TYR C 64 40.07 8.97 18.69
N SER C 65 39.33 10.08 18.59
CA SER C 65 39.74 11.27 17.85
C SER C 65 40.00 10.99 16.38
N GLY C 66 39.73 9.79 15.90
CA GLY C 66 39.79 9.52 14.49
C GLY C 66 38.64 10.23 13.81
N ASP C 67 38.93 11.31 13.08
CA ASP C 67 37.87 12.03 12.38
C ASP C 67 37.72 11.57 10.95
N ALA C 68 38.73 11.80 10.12
CA ALA C 68 38.91 11.07 8.88
C ALA C 68 40.40 10.93 8.64
N GLN C 69 41.17 10.91 9.73
CA GLN C 69 42.60 11.21 9.67
C GLN C 69 43.30 10.45 8.56
N GLN C 70 43.79 11.18 7.56
CA GLN C 70 44.34 10.63 6.34
C GLN C 70 43.47 9.48 5.82
N LEU C 71 42.14 9.67 5.82
CA LEU C 71 41.28 8.71 5.17
C LEU C 71 41.48 7.31 5.74
N SER C 72 40.98 7.01 6.93
CA SER C 72 41.38 5.76 7.58
C SER C 72 40.86 4.56 6.79
N GLN C 73 41.57 4.31 5.69
CA GLN C 73 41.32 3.18 4.79
C GLN C 73 42.31 2.04 5.09
N VAL C 74 41.74 0.86 5.32
CA VAL C 74 42.47 -0.39 5.27
C VAL C 74 41.71 -1.32 4.33
N ASN C 75 42.43 -1.99 3.46
CA ASN C 75 41.81 -2.89 2.49
C ASN C 75 40.96 -3.93 3.23
N CYS C 76 39.73 -4.07 2.78
CA CYS C 76 38.66 -4.70 3.57
C CYS C 76 37.81 -5.70 2.80
N SER C 77 37.20 -6.59 3.58
CA SER C 77 36.00 -7.31 3.14
C SER C 77 35.00 -7.54 4.28
N GLU C 78 35.12 -6.89 5.42
CA GLU C 78 34.38 -7.27 6.61
C GLU C 78 33.63 -6.05 7.16
N ARG C 79 33.04 -6.14 8.37
CA ARG C 79 32.37 -5.01 9.00
C ARG C 79 32.88 -4.92 10.43
N TYR C 80 33.63 -3.87 10.75
CA TYR C 80 34.11 -3.73 12.11
C TYR C 80 33.00 -3.28 13.05
N GLU C 81 32.60 -4.16 13.95
CA GLU C 81 31.61 -3.84 14.96
C GLU C 81 32.25 -3.05 16.09
N ALA C 82 31.53 -2.87 17.20
CA ALA C 82 32.08 -2.14 18.33
C ALA C 82 32.10 -3.11 19.53
N ARG C 83 33.22 -3.78 19.70
CA ARG C 83 33.36 -4.80 20.75
C ARG C 83 33.79 -4.12 22.04
N GLY C 84 32.86 -3.39 22.64
CA GLY C 84 33.11 -2.70 23.89
C GLY C 84 31.85 -2.46 24.64
N ALA C 85 31.81 -1.38 25.41
CA ALA C 85 30.64 -1.01 26.20
C ALA C 85 29.60 -0.26 25.37
N GLY C 86 29.24 -0.78 24.20
CA GLY C 86 28.13 -0.23 23.45
C GLY C 86 26.88 -0.32 24.30
N ALA C 87 26.89 -1.28 25.24
CA ALA C 87 25.96 -1.37 26.35
C ALA C 87 24.55 -1.72 25.91
N MET C 88 24.31 -1.79 24.60
CA MET C 88 23.00 -2.03 24.01
C MET C 88 21.96 -1.16 24.71
N PRO C 89 22.00 0.15 24.50
CA PRO C 89 21.24 1.09 25.34
C PRO C 89 19.74 0.80 25.44
N GLY C 90 19.08 0.47 24.34
CA GLY C 90 17.65 0.24 24.44
C GLY C 90 16.78 1.30 23.81
N LEU C 91 17.15 1.77 22.61
CA LEU C 91 16.43 2.82 21.88
C LEU C 91 16.46 4.16 22.59
N PRO C 92 17.59 4.85 22.61
CA PRO C 92 17.62 6.25 23.04
C PRO C 92 16.44 7.02 22.46
N PRO C 93 15.77 7.82 23.27
CA PRO C 93 14.58 8.55 22.81
C PRO C 93 14.76 9.37 21.55
N SER C 94 15.99 9.56 21.09
CA SER C 94 16.19 10.19 19.80
C SER C 94 15.77 9.27 18.65
N LEU C 95 16.12 7.98 18.74
CA LEU C 95 15.65 6.99 17.77
C LEU C 95 14.28 6.46 18.16
N GLN C 96 13.34 7.38 18.32
CA GLN C 96 11.97 7.05 18.64
C GLN C 96 11.00 7.33 17.51
N GLY C 97 11.29 8.31 16.67
CA GLY C 97 10.55 8.43 15.42
C GLY C 97 10.85 7.27 14.48
N ALA C 98 12.12 6.88 14.39
CA ALA C 98 12.52 5.82 13.48
C ALA C 98 11.79 4.51 13.78
N ALA C 99 11.99 3.98 14.98
CA ALA C 99 11.33 2.73 15.31
C ALA C 99 9.82 2.83 15.32
N GLY C 100 9.27 4.03 15.15
CA GLY C 100 7.84 4.18 14.95
C GLY C 100 7.46 3.96 13.51
N THR C 101 8.10 4.69 12.61
CA THR C 101 7.82 4.59 11.18
C THR C 101 8.27 3.27 10.58
N LEU C 102 9.02 2.46 11.32
CA LEU C 102 9.49 1.18 10.83
C LEU C 102 8.66 0.03 11.39
N ALA C 103 7.82 0.28 12.39
CA ALA C 103 6.88 -0.71 12.86
C ALA C 103 5.46 -0.42 12.39
N GLN C 104 5.27 0.64 11.60
CA GLN C 104 4.03 0.79 10.86
C GLN C 104 4.10 0.16 9.48
N ALA C 105 5.24 0.26 8.81
CA ALA C 105 5.41 -0.37 7.51
C ALA C 105 5.62 -1.87 7.65
N ALA C 106 5.66 -2.32 8.90
CA ALA C 106 5.54 -3.76 9.13
C ALA C 106 4.15 -4.12 9.62
N ASN C 107 3.23 -3.19 9.68
CA ASN C 107 1.83 -3.46 9.91
C ASN C 107 1.00 -3.31 8.65
N PHE C 108 1.27 -2.28 7.85
CA PHE C 108 0.58 -2.15 6.57
C PHE C 108 0.77 -3.39 5.72
N LEU C 109 1.90 -4.06 5.85
CA LEU C 109 2.15 -5.32 5.16
C LEU C 109 1.79 -6.51 6.02
N ASN C 110 1.29 -6.27 7.22
CA ASN C 110 0.87 -7.33 8.12
C ASN C 110 -0.61 -7.62 8.02
N MET C 111 -1.43 -6.63 7.67
CA MET C 111 -2.85 -6.83 7.49
C MET C 111 -3.25 -6.95 6.03
N LEU C 112 -2.29 -6.91 5.12
CA LEU C 112 -2.55 -7.03 3.70
C LEU C 112 -2.18 -8.40 3.16
N LEU C 113 -1.33 -9.15 3.86
CA LEU C 113 -1.05 -10.53 3.52
C LEU C 113 -1.75 -11.50 4.45
N GLN C 114 -2.58 -11.00 5.38
CA GLN C 114 -3.35 -11.85 6.27
C GLN C 114 -4.84 -11.78 6.01
N ALA C 115 -5.28 -11.03 5.04
CA ALA C 115 -6.68 -10.95 4.71
C ALA C 115 -6.98 -11.49 3.32
N ASN C 116 -6.04 -11.38 2.38
CA ASN C 116 -6.22 -11.88 1.02
C ASN C 116 -4.95 -12.62 0.63
N ASP C 117 -4.94 -13.93 0.88
CA ASP C 117 -3.73 -14.72 0.72
C ASP C 117 -3.28 -14.81 -0.74
N ILE C 118 -4.14 -14.54 -1.72
CA ILE C 118 -3.67 -14.49 -3.09
C ILE C 118 -2.70 -13.35 -3.32
N ARG C 119 -2.57 -12.43 -2.37
CA ARG C 119 -1.61 -11.35 -2.47
C ARG C 119 -0.19 -11.82 -2.23
N GLU C 120 0.00 -13.10 -1.97
CA GLU C 120 1.33 -13.67 -1.83
C GLU C 120 1.77 -14.43 -3.06
N SER C 121 1.00 -14.38 -4.14
CA SER C 121 1.33 -15.08 -5.38
C SER C 121 1.34 -14.15 -6.59
N SER C 122 1.24 -12.84 -6.36
CA SER C 122 1.29 -11.89 -7.45
C SER C 122 2.13 -10.68 -7.04
N VAL C 123 3.27 -10.93 -6.39
CA VAL C 123 4.10 -9.85 -5.89
C VAL C 123 4.93 -9.19 -6.96
N GLU C 124 5.08 -9.82 -8.12
CA GLU C 124 5.84 -9.23 -9.23
C GLU C 124 4.96 -8.40 -10.15
N GLU C 125 3.63 -8.53 -10.04
CA GLU C 125 2.72 -7.65 -10.75
C GLU C 125 2.28 -6.47 -9.91
N ASP C 126 2.40 -6.57 -8.59
CA ASP C 126 2.05 -5.48 -7.68
C ASP C 126 3.28 -4.70 -7.25
N VAL C 127 4.27 -4.56 -8.13
CA VAL C 127 5.57 -4.03 -7.74
C VAL C 127 5.56 -2.54 -7.99
N GLU C 128 4.36 -1.97 -8.11
CA GLU C 128 4.22 -0.52 -8.00
C GLU C 128 3.79 -0.08 -6.62
N TRP C 129 3.18 -0.96 -5.82
CA TRP C 129 2.77 -0.64 -4.47
C TRP C 129 3.87 -0.88 -3.44
N TYR C 130 4.82 -1.76 -3.71
CA TYR C 130 5.96 -1.94 -2.82
C TYR C 130 7.13 -1.05 -3.16
N GLN C 131 7.05 -0.28 -4.25
CA GLN C 131 8.02 0.76 -4.55
C GLN C 131 7.64 2.09 -3.93
N ALA C 132 6.52 2.13 -3.22
CA ALA C 132 6.16 3.31 -2.44
C ALA C 132 6.39 3.13 -0.96
N LEU C 133 6.53 1.91 -0.47
CA LEU C 133 6.92 1.71 0.92
C LEU C 133 8.37 2.07 1.15
N VAL C 134 9.29 1.42 0.43
CA VAL C 134 10.71 1.62 0.68
C VAL C 134 11.15 3.01 0.30
N ARG C 135 10.30 3.79 -0.38
CA ARG C 135 10.55 5.20 -0.55
C ARG C 135 9.88 6.03 0.54
N SER C 136 9.26 5.38 1.49
CA SER C 136 8.71 6.02 2.68
C SER C 136 9.53 5.74 3.93
N VAL C 137 9.89 4.48 4.15
CA VAL C 137 10.82 4.13 5.23
C VAL C 137 12.11 4.92 5.12
N ALA C 138 12.49 5.31 3.90
CA ALA C 138 13.69 6.09 3.66
C ALA C 138 13.54 7.54 4.08
N GLU C 139 12.45 7.89 4.77
CA GLU C 139 12.24 9.26 5.22
C GLU C 139 11.66 9.34 6.62
N GLY C 140 11.66 8.24 7.38
CA GLY C 140 11.19 8.27 8.74
C GLY C 140 12.14 8.91 9.73
N ASP C 141 13.10 9.70 9.26
CA ASP C 141 14.11 10.30 10.10
C ASP C 141 14.94 11.25 9.24
N PRO C 142 15.49 12.31 9.81
CA PRO C 142 16.41 13.18 9.06
C PRO C 142 17.86 12.68 9.02
N ARG C 143 18.15 11.53 9.63
CA ARG C 143 19.48 10.92 9.59
C ARG C 143 19.30 9.49 9.09
N VAL C 144 19.26 9.31 7.78
CA VAL C 144 19.05 8.01 7.18
C VAL C 144 20.08 7.80 6.07
N TYR C 145 20.51 6.55 5.91
CA TYR C 145 21.35 6.17 4.80
C TYR C 145 20.63 5.24 3.83
N ARG C 146 20.10 4.12 4.30
CA ARG C 146 19.38 3.23 3.40
C ARG C 146 18.00 2.93 3.94
N ALA C 147 17.24 2.17 3.17
CA ALA C 147 15.95 1.64 3.59
C ALA C 147 15.65 0.49 2.65
N LEU C 148 15.49 -0.71 3.18
CA LEU C 148 15.62 -1.91 2.38
C LEU C 148 14.53 -2.92 2.74
N LEU C 149 13.87 -3.44 1.72
CA LEU C 149 12.83 -4.45 1.87
C LEU C 149 13.25 -5.72 1.15
N THR C 150 13.06 -6.87 1.82
CA THR C 150 13.47 -8.16 1.26
C THR C 150 12.36 -9.17 1.54
N PHE C 151 11.52 -9.42 0.55
CA PHE C 151 10.61 -10.55 0.64
C PHE C 151 11.43 -11.82 0.76
N ASN C 152 11.08 -12.67 1.71
CA ASN C 152 11.85 -13.91 1.86
C ASN C 152 11.64 -14.80 0.65
N PRO C 153 12.54 -15.74 0.39
CA PRO C 153 12.34 -16.69 -0.68
C PRO C 153 11.06 -17.47 -0.45
N PRO C 154 10.41 -17.93 -1.52
CA PRO C 154 9.29 -18.84 -1.36
C PRO C 154 9.73 -20.03 -0.53
N PRO C 155 8.89 -20.50 0.39
CA PRO C 155 9.32 -21.61 1.27
C PRO C 155 9.76 -22.81 0.44
N GLY C 156 10.85 -23.43 0.85
CA GLY C 156 11.42 -24.52 0.08
C GLY C 156 11.83 -24.11 -1.32
N ALA C 157 12.53 -22.97 -1.45
CA ALA C 157 13.00 -22.50 -2.74
C ALA C 157 14.33 -21.78 -2.58
N SER C 158 14.80 -21.11 -3.64
CA SER C 158 16.15 -20.56 -3.62
C SER C 158 16.22 -19.04 -3.69
N HIS C 159 15.69 -18.45 -4.76
CA HIS C 159 15.94 -17.03 -5.00
C HIS C 159 15.13 -16.15 -4.04
N LEU C 160 15.52 -14.88 -3.97
CA LEU C 160 15.07 -14.01 -2.90
C LEU C 160 13.70 -13.41 -3.19
N GLN C 161 13.30 -13.39 -4.46
CA GLN C 161 11.99 -12.86 -4.83
C GLN C 161 11.82 -11.38 -4.48
N LEU C 162 12.45 -10.50 -5.27
CA LEU C 162 12.10 -9.09 -5.29
C LEU C 162 12.46 -8.34 -4.00
N ALA C 163 13.75 -8.04 -3.82
CA ALA C 163 14.22 -7.16 -2.75
C ALA C 163 14.69 -5.81 -3.27
N LEU C 164 14.14 -4.70 -2.75
CA LEU C 164 14.50 -3.36 -3.22
C LEU C 164 15.48 -2.69 -2.27
N GLN C 165 15.74 -1.40 -2.56
CA GLN C 165 16.59 -0.57 -1.71
C GLN C 165 16.50 0.90 -2.09
N ALA C 166 16.25 1.77 -1.12
CA ALA C 166 16.43 3.20 -1.35
C ALA C 166 17.67 3.68 -0.61
N THR C 167 18.29 4.74 -1.13
CA THR C 167 19.59 5.18 -0.63
C THR C 167 19.64 6.71 -0.64
N ARG C 168 19.48 7.31 0.53
CA ARG C 168 19.56 8.77 0.65
C ARG C 168 20.93 9.25 0.21
N THR C 169 20.95 10.29 -0.62
CA THR C 169 22.19 10.87 -1.11
C THR C 169 22.02 12.38 -1.09
N GLY C 170 21.49 12.90 0.01
CA GLY C 170 21.25 14.33 0.13
C GLY C 170 19.82 14.70 -0.22
N GLU C 171 19.62 15.26 -1.40
CA GLU C 171 18.30 15.64 -1.87
C GLU C 171 17.80 14.63 -2.89
N GLU C 172 18.09 13.35 -2.67
CA GLU C 172 17.86 12.34 -3.68
C GLU C 172 17.52 11.03 -2.98
N THR C 173 16.96 10.09 -3.75
CA THR C 173 16.73 8.74 -3.25
C THR C 173 16.78 7.80 -4.46
N ILE C 174 17.81 6.97 -4.50
CA ILE C 174 18.05 6.07 -5.64
C ILE C 174 17.45 4.71 -5.32
N LEU C 175 16.76 4.12 -6.29
CA LEU C 175 16.07 2.86 -6.10
C LEU C 175 16.66 1.80 -7.01
N GLN C 176 16.99 0.64 -6.43
CA GLN C 176 17.61 -0.45 -7.18
C GLN C 176 16.98 -1.77 -6.78
N ASP C 177 17.14 -2.76 -7.64
CA ASP C 177 16.69 -4.13 -7.41
C ASP C 177 17.90 -5.02 -7.15
N LEU C 178 18.17 -5.30 -5.88
CA LEU C 178 19.21 -6.25 -5.54
C LEU C 178 18.63 -7.64 -5.30
N SER C 179 17.95 -8.16 -6.33
CA SER C 179 17.41 -9.50 -6.28
C SER C 179 18.29 -10.53 -6.95
N GLY C 180 19.08 -10.12 -7.94
CA GLY C 180 20.04 -10.97 -8.61
C GLY C 180 21.39 -11.08 -7.94
N ASN C 181 21.59 -10.40 -6.81
CA ASN C 181 22.84 -10.49 -6.06
C ASN C 181 22.65 -11.33 -4.79
N TRP C 182 21.65 -11.01 -3.98
CA TRP C 182 21.35 -11.76 -2.76
C TRP C 182 20.62 -13.06 -3.10
N VAL C 183 21.26 -13.86 -3.96
CA VAL C 183 20.76 -15.19 -4.21
C VAL C 183 20.75 -15.98 -2.91
N GLN C 184 19.83 -16.95 -2.84
CA GLN C 184 19.62 -17.82 -1.68
C GLN C 184 19.71 -17.08 -0.35
N GLU C 185 19.22 -15.84 -0.31
CA GLU C 185 19.13 -15.08 0.93
C GLU C 185 20.49 -14.96 1.61
N GLU C 186 21.41 -14.20 0.99
CA GLU C 186 22.76 -14.01 1.52
C GLU C 186 22.78 -13.45 2.93
N ASN C 187 21.65 -12.96 3.44
CA ASN C 187 21.56 -12.42 4.80
C ASN C 187 22.54 -11.26 5.01
N PRO C 195 7.98 -16.55 14.93
CA PRO C 195 7.22 -16.23 16.15
C PRO C 195 7.85 -15.10 16.94
N ALA C 196 7.02 -14.21 17.48
CA ALA C 196 7.51 -13.13 18.32
C ALA C 196 6.44 -12.72 19.33
N LEU C 197 6.63 -11.57 19.96
CA LEU C 197 5.63 -11.01 20.88
C LEU C 197 4.48 -10.49 20.03
N LYS C 198 3.53 -11.38 19.72
CA LYS C 198 2.44 -11.08 18.81
C LYS C 198 1.12 -11.15 19.57
N LYS C 199 0.33 -10.09 19.44
CA LYS C 199 -0.99 -10.02 20.06
C LYS C 199 -2.05 -9.96 18.99
N ARG C 200 -3.05 -10.83 19.10
CA ARG C 200 -4.08 -10.90 18.08
C ARG C 200 -4.95 -9.66 18.10
N VAL C 201 -5.38 -9.22 16.92
CA VAL C 201 -6.29 -8.09 16.76
C VAL C 201 -7.40 -8.56 15.84
N LEU C 202 -8.57 -8.82 16.42
CA LEU C 202 -9.67 -9.45 15.68
C LEU C 202 -10.22 -8.54 14.61
N THR C 203 -9.87 -8.81 13.35
CA THR C 203 -10.45 -8.06 12.25
C THR C 203 -11.95 -8.27 12.22
N ASN C 204 -12.70 -7.16 12.18
CA ASN C 204 -14.15 -7.21 12.07
C ASN C 204 -14.53 -6.23 10.97
N ASP C 205 -15.50 -6.62 10.14
CA ASP C 205 -15.67 -5.95 8.87
C ASP C 205 -17.07 -5.35 8.68
N LEU C 206 -18.05 -5.75 9.46
CA LEU C 206 -19.41 -5.30 9.19
C LEU C 206 -19.55 -3.80 9.34
N GLY C 207 -19.59 -3.10 8.20
CA GLY C 207 -19.80 -1.68 8.17
C GLY C 207 -20.65 -1.29 6.98
N SER C 208 -21.46 -2.23 6.50
CA SER C 208 -22.15 -2.10 5.22
C SER C 208 -21.15 -1.84 4.11
N LEU C 209 -20.03 -2.55 4.18
CA LEU C 209 -19.00 -2.52 3.14
C LEU C 209 -19.39 -3.47 2.01
N GLY C 210 -19.31 -2.99 0.78
CA GLY C 210 -19.63 -3.82 -0.36
C GLY C 210 -18.40 -4.37 -1.06
N SER C 211 -17.21 -3.98 -0.59
CA SER C 211 -15.98 -4.43 -1.25
C SER C 211 -15.55 -5.83 -0.79
N PRO C 212 -15.48 -6.14 0.51
CA PRO C 212 -15.29 -7.52 0.92
C PRO C 212 -16.62 -8.19 1.25
N LYS C 213 -16.55 -9.51 1.47
CA LYS C 213 -17.72 -10.30 1.78
C LYS C 213 -17.43 -11.33 2.87
N TRP C 214 -16.70 -10.93 3.91
CA TRP C 214 -16.45 -11.85 5.01
C TRP C 214 -16.67 -11.15 6.33
N PRO C 215 -17.44 -11.75 7.25
CA PRO C 215 -17.75 -11.10 8.52
C PRO C 215 -16.55 -10.90 9.43
N GLN C 216 -15.84 -11.97 9.78
CA GLN C 216 -14.83 -11.92 10.82
C GLN C 216 -13.68 -12.87 10.53
N ALA C 217 -12.47 -12.41 10.82
CA ALA C 217 -11.27 -13.22 10.73
C ALA C 217 -10.22 -12.66 11.68
N ASP C 218 -9.18 -13.44 12.00
CA ASP C 218 -8.24 -13.01 13.04
C ASP C 218 -6.82 -12.83 12.51
N GLY C 219 -6.24 -11.66 12.75
CA GLY C 219 -4.88 -11.37 12.35
C GLY C 219 -3.91 -11.29 13.53
N TYR C 220 -2.67 -10.95 13.20
CA TYR C 220 -1.60 -10.82 14.18
C TYR C 220 -0.89 -9.50 13.95
N VAL C 221 -0.56 -8.79 15.02
CA VAL C 221 0.00 -7.44 14.93
C VAL C 221 1.06 -7.23 15.99
N GLY C 222 2.20 -6.66 15.60
CA GLY C 222 3.23 -6.24 16.52
C GLY C 222 3.23 -4.72 16.70
N ASP C 223 4.14 -4.26 17.55
CA ASP C 223 4.16 -2.86 17.94
C ASP C 223 5.52 -2.20 17.70
N THR C 224 5.72 -1.01 18.26
CA THR C 224 6.91 -0.20 17.99
C THR C 224 7.96 -0.32 19.09
N GLN C 225 7.83 -1.31 19.97
CA GLN C 225 8.88 -1.59 20.94
C GLN C 225 9.46 -2.99 20.72
N GLN C 226 9.39 -3.46 19.48
CA GLN C 226 10.02 -4.71 19.08
C GLN C 226 11.00 -4.52 17.93
N VAL C 227 11.18 -3.30 17.43
CA VAL C 227 12.25 -3.01 16.49
C VAL C 227 13.56 -3.44 17.10
N ARG C 228 14.37 -4.17 16.33
CA ARG C 228 15.64 -4.67 16.84
C ARG C 228 16.78 -3.73 16.49
N LEU C 229 17.84 -3.80 17.29
CA LEU C 229 19.00 -2.94 17.16
C LEU C 229 20.17 -3.73 16.57
N SER C 230 21.32 -3.07 16.52
CA SER C 230 22.52 -3.69 16.01
C SER C 230 23.69 -2.95 16.65
N PRO C 231 24.72 -3.66 17.10
CA PRO C 231 25.90 -2.99 17.63
C PRO C 231 26.47 -2.06 16.58
N PRO C 232 26.87 -0.85 16.96
CA PRO C 232 27.33 0.12 15.96
C PRO C 232 28.52 -0.42 15.19
N PHE C 233 28.53 -0.16 13.89
CA PHE C 233 29.55 -0.70 13.00
C PHE C 233 29.89 0.36 11.97
N LEU C 234 30.83 0.01 11.10
CA LEU C 234 31.05 0.73 9.86
C LEU C 234 31.54 -0.27 8.83
N GLU C 235 30.94 -0.24 7.65
CA GLU C 235 31.18 -1.26 6.65
C GLU C 235 32.29 -0.77 5.73
N CYS C 236 32.66 -1.61 4.77
CA CYS C 236 33.67 -1.27 3.79
C CYS C 236 33.14 -1.37 2.37
N GLN C 237 33.44 -0.34 1.59
CA GLN C 237 32.92 -0.09 0.25
C GLN C 237 34.02 -0.44 -0.74
N GLU C 238 33.91 -1.60 -1.37
CA GLU C 238 34.90 -2.16 -2.28
C GLU C 238 36.19 -2.50 -1.54
N GLY C 239 36.20 -2.37 -0.22
CA GLY C 239 37.38 -2.61 0.58
C GLY C 239 37.91 -1.39 1.29
N ARG C 240 37.37 -0.20 1.00
CA ARG C 240 37.89 1.03 1.57
C ARG C 240 36.86 1.59 2.54
N LEU C 241 37.02 1.24 3.82
CA LEU C 241 36.06 1.57 4.87
C LEU C 241 35.52 2.99 4.76
N ARG C 242 34.20 3.14 4.66
CA ARG C 242 33.62 4.47 4.77
C ARG C 242 33.47 4.82 6.25
N PRO C 243 33.89 6.01 6.66
CA PRO C 243 33.71 6.39 8.06
C PRO C 243 32.31 6.91 8.33
N GLY C 244 31.42 6.08 8.87
CA GLY C 244 30.11 6.58 9.24
C GLY C 244 29.52 6.20 10.58
N TRP C 245 29.94 5.07 11.13
CA TRP C 245 29.37 4.55 12.38
C TRP C 245 27.85 4.42 12.31
N LEU C 246 27.34 3.53 11.48
CA LEU C 246 25.91 3.34 11.26
C LEU C 246 25.30 2.45 12.34
N ILE C 247 24.01 2.16 12.13
CA ILE C 247 23.24 1.26 13.00
C ILE C 247 21.97 0.87 12.24
N THR C 248 21.53 -0.37 12.43
CA THR C 248 20.42 -0.91 11.64
C THR C 248 19.24 -1.25 12.54
N LEU C 249 18.03 -0.91 12.07
CA LEU C 249 16.80 -1.25 12.77
C LEU C 249 15.97 -2.19 11.91
N SER C 250 15.47 -3.27 12.50
CA SER C 250 14.80 -4.30 11.74
C SER C 250 13.31 -4.35 12.05
N ALA C 251 12.61 -5.30 11.43
CA ALA C 251 11.18 -5.53 11.61
C ALA C 251 10.83 -6.87 10.98
N THR C 252 9.55 -7.22 10.91
CA THR C 252 9.17 -8.52 10.36
C THR C 252 7.69 -8.61 10.02
N PHE C 253 7.37 -9.02 8.80
CA PHE C 253 5.97 -9.23 8.40
C PHE C 253 5.45 -10.48 9.07
N TYR C 254 4.19 -10.81 8.79
CA TYR C 254 3.65 -12.11 9.16
C TYR C 254 2.47 -12.49 8.27
N GLY C 255 2.67 -13.35 7.28
CA GLY C 255 1.57 -13.85 6.50
C GLY C 255 0.73 -14.82 7.32
N LEU C 256 -0.02 -15.67 6.63
CA LEU C 256 -0.73 -16.73 7.33
C LEU C 256 -0.31 -18.09 6.79
N LYS C 257 0.26 -18.89 7.69
CA LYS C 257 0.42 -20.33 7.48
C LYS C 257 -0.97 -20.90 7.60
N PRO C 258 -1.36 -21.86 6.80
CA PRO C 258 -2.77 -22.28 6.83
C PRO C 258 -3.13 -23.12 8.04
N ASP C 259 -2.53 -22.82 9.19
CA ASP C 259 -3.08 -23.15 10.50
C ASP C 259 -2.91 -22.00 11.48
N LEU C 260 -1.73 -21.39 11.46
CA LEU C 260 -1.23 -20.48 12.47
C LEU C 260 -0.85 -19.15 11.85
N SER C 261 -0.15 -18.29 12.57
CA SER C 261 0.50 -17.20 11.87
C SER C 261 1.91 -16.84 12.33
N PRO C 262 2.80 -17.78 12.59
CA PRO C 262 4.22 -17.41 12.62
C PRO C 262 4.95 -17.69 11.32
N GLU C 263 4.47 -17.19 10.19
CA GLU C 263 5.28 -17.30 8.98
C GLU C 263 5.82 -15.92 8.63
N VAL C 264 7.14 -15.82 8.50
CA VAL C 264 7.85 -14.57 8.70
C VAL C 264 8.23 -13.91 7.38
N ARG C 265 7.43 -14.11 6.33
CA ARG C 265 7.92 -13.73 5.01
C ARG C 265 8.07 -12.21 4.92
N GLY C 266 9.31 -11.76 5.02
CA GLY C 266 9.62 -10.37 4.78
C GLY C 266 10.51 -9.81 5.86
N GLN C 267 11.04 -8.62 5.57
CA GLN C 267 11.83 -7.83 6.51
C GLN C 267 12.10 -6.44 5.96
N VAL C 268 12.01 -5.42 6.79
CA VAL C 268 12.25 -4.04 6.37
C VAL C 268 13.24 -3.39 7.33
N GLN C 269 14.25 -2.72 6.79
CA GLN C 269 15.41 -2.33 7.57
C GLN C 269 15.81 -0.89 7.32
N MET C 270 16.49 -0.29 8.30
CA MET C 270 16.93 1.09 8.26
C MET C 270 18.43 1.15 8.53
N ASP C 271 19.05 2.25 8.13
CA ASP C 271 20.46 2.53 8.40
C ASP C 271 20.56 4.00 8.84
N VAL C 272 21.03 4.22 10.05
CA VAL C 272 21.04 5.55 10.62
C VAL C 272 22.48 5.98 10.87
N ASP C 273 22.75 7.28 10.75
CA ASP C 273 24.09 7.84 10.92
C ASP C 273 24.25 8.32 12.36
N LEU C 274 25.31 7.86 13.03
CA LEU C 274 25.54 8.21 14.42
C LEU C 274 26.76 9.11 14.61
N GLN C 275 27.26 9.68 13.52
CA GLN C 275 28.40 10.57 13.63
C GLN C 275 27.97 12.01 13.94
N SER C 276 26.76 12.18 14.46
CA SER C 276 26.28 13.49 14.86
C SER C 276 25.71 13.47 16.27
N VAL C 277 25.51 12.29 16.83
CA VAL C 277 25.10 12.19 18.22
C VAL C 277 26.30 12.53 19.10
N ASP C 278 26.02 12.92 20.34
CA ASP C 278 27.06 13.33 21.29
C ASP C 278 27.20 12.26 22.36
N ILE C 279 28.20 11.40 22.21
CA ILE C 279 28.47 10.38 23.20
C ILE C 279 28.88 11.06 24.52
N ASN C 280 28.63 10.37 25.64
CA ASN C 280 28.83 10.94 26.98
C ASN C 280 29.45 9.87 27.90
N GLN C 281 30.76 9.97 28.11
CA GLN C 281 31.48 8.92 28.81
C GLN C 281 31.36 9.06 30.32
N CYS C 282 31.37 10.29 30.84
CA CYS C 282 31.45 10.49 32.28
C CYS C 282 30.16 11.11 32.81
N ALA C 283 29.03 10.61 32.33
CA ALA C 283 27.74 10.98 32.88
C ALA C 283 26.88 9.72 32.88
N SER C 284 25.59 9.86 33.16
CA SER C 284 24.68 8.73 33.19
C SER C 284 23.44 9.07 32.37
N GLY C 285 23.17 8.27 31.35
CA GLY C 285 22.03 8.46 30.50
C GLY C 285 21.76 7.26 29.62
N PRO C 286 20.86 7.41 28.66
CA PRO C 286 20.55 6.28 27.75
C PRO C 286 21.46 6.23 26.53
N GLY C 287 22.60 6.93 26.58
CA GLY C 287 23.55 6.95 25.49
C GLY C 287 24.16 5.59 25.22
N TRP C 288 25.13 5.55 24.30
CA TRP C 288 25.68 4.27 23.87
C TRP C 288 26.81 3.82 24.79
N TYR C 289 27.88 4.60 24.89
CA TYR C 289 28.90 4.31 25.89
C TYR C 289 28.63 5.17 27.11
N SER C 290 28.16 4.55 28.18
CA SER C 290 27.70 5.30 29.36
C SER C 290 28.53 4.92 30.58
N ASN C 291 28.96 5.94 31.32
CA ASN C 291 29.75 5.78 32.54
C ASN C 291 30.98 4.92 32.28
N THR C 292 31.61 5.16 31.13
CA THR C 292 32.81 4.43 30.72
C THR C 292 34.09 5.19 31.02
N HIS C 293 34.02 6.31 31.73
CA HIS C 293 35.19 7.14 31.97
C HIS C 293 36.32 6.37 32.63
N LEU C 294 37.52 6.48 32.07
CA LEU C 294 38.69 5.82 32.65
C LEU C 294 39.46 6.76 33.57
N CYS C 295 38.79 7.28 34.58
CA CYS C 295 39.42 8.19 35.53
C CYS C 295 40.34 7.45 36.48
N ASP C 296 41.64 7.80 36.41
CA ASP C 296 42.62 7.38 37.40
C ASP C 296 42.35 8.22 38.64
N LEU C 297 41.21 7.94 39.27
CA LEU C 297 40.52 8.85 40.17
C LEU C 297 41.38 9.31 41.36
N ASN C 298 41.44 10.63 41.56
CA ASN C 298 41.89 11.16 42.84
C ASN C 298 40.77 11.06 43.87
N SER C 299 39.67 11.74 43.60
CA SER C 299 38.42 11.48 44.30
C SER C 299 37.25 11.35 43.32
N THR C 300 37.50 11.06 42.05
CA THR C 300 36.48 10.93 41.02
C THR C 300 35.73 12.24 40.79
N GLN C 301 36.44 13.28 40.34
CA GLN C 301 35.82 14.50 39.80
C GLN C 301 36.29 14.66 38.37
N CYS C 302 35.38 14.49 37.42
CA CYS C 302 35.65 14.54 35.99
C CYS C 302 34.88 15.68 35.34
N VAL C 303 35.11 15.86 34.03
CA VAL C 303 34.27 16.76 33.25
C VAL C 303 34.25 16.35 31.77
N PRO C 304 33.12 15.88 31.26
CA PRO C 304 32.98 15.73 29.80
C PRO C 304 32.88 17.10 29.15
N LEU C 305 33.89 17.45 28.37
CA LEU C 305 34.00 18.82 27.86
C LEU C 305 34.17 18.81 26.35
N GLU C 306 33.04 18.74 25.64
CA GLU C 306 32.98 19.04 24.21
C GLU C 306 31.53 18.90 23.72
N SER C 307 31.31 19.14 22.44
CA SER C 307 30.12 18.72 21.71
C SER C 307 30.51 17.65 20.72
N GLN C 308 31.35 16.73 21.17
CA GLN C 308 31.98 15.72 20.34
C GLN C 308 30.95 14.86 19.61
N GLY C 309 31.41 14.20 18.57
CA GLY C 309 30.56 13.27 17.85
C GLY C 309 30.55 11.91 18.52
N PHE C 310 30.76 10.86 17.75
CA PHE C 310 30.83 9.51 18.28
C PHE C 310 32.29 9.13 18.49
N VAL C 311 32.89 9.75 19.51
CA VAL C 311 34.29 9.54 19.86
C VAL C 311 34.36 9.02 21.28
N LEU C 312 34.90 7.83 21.45
CA LEU C 312 34.96 7.22 22.78
C LEU C 312 36.12 7.80 23.56
N GLY C 313 35.89 8.07 24.85
CA GLY C 313 36.96 8.49 25.74
C GLY C 313 37.67 9.76 25.33
N ARG C 314 36.95 10.88 25.29
CA ARG C 314 37.57 12.16 24.99
C ARG C 314 37.01 13.20 25.96
N TYR C 315 36.81 12.80 27.21
CA TYR C 315 36.46 13.74 28.28
C TYR C 315 37.73 14.41 28.78
N LEU C 316 37.62 15.11 29.91
CA LEU C 316 38.79 15.67 30.59
C LEU C 316 38.64 15.33 32.07
N CYS C 317 39.40 14.33 32.53
CA CYS C 317 39.32 13.93 33.93
C CYS C 317 40.47 14.55 34.73
N ARG C 318 40.41 15.87 34.87
CA ARG C 318 41.32 16.58 35.77
C ARG C 318 40.56 17.18 36.95
N CYS C 319 39.70 18.15 36.67
CA CYS C 319 38.69 18.69 37.58
C CYS C 319 39.14 18.68 39.04
N ARG C 320 40.31 19.25 39.33
CA ARG C 320 40.94 19.16 40.65
C ARG C 320 39.96 19.38 41.81
N GLY D 55 -24.01 21.41 26.32
CA GLY D 55 -24.07 21.73 27.73
C GLY D 55 -22.73 22.15 28.31
N ALA D 56 -22.76 22.96 29.36
CA ALA D 56 -21.54 23.41 30.01
C ALA D 56 -21.67 23.26 31.52
N GLU D 57 -22.91 23.17 32.00
CA GLU D 57 -23.13 22.99 33.44
C GLU D 57 -22.47 21.71 33.93
N ALA D 58 -22.63 20.62 33.19
CA ALA D 58 -21.98 19.36 33.54
C ALA D 58 -20.55 19.33 33.02
N ALA D 59 -20.31 19.91 31.84
CA ALA D 59 -19.00 19.89 31.22
C ALA D 59 -17.92 20.40 32.17
N LEU D 60 -18.13 21.59 32.73
CA LEU D 60 -17.15 22.13 33.66
C LEU D 60 -17.03 21.22 34.88
N ALA D 61 -18.15 20.86 35.48
CA ALA D 61 -18.10 20.01 36.66
C ALA D 61 -17.81 18.57 36.25
N TYR D 62 -17.42 18.38 34.99
CA TYR D 62 -16.72 17.17 34.59
C TYR D 62 -15.21 17.33 34.57
N LEU D 63 -14.72 18.54 34.26
CA LEU D 63 -13.29 18.78 34.45
C LEU D 63 -12.92 18.60 35.93
N TYR D 64 -13.45 19.45 36.80
CA TYR D 64 -13.07 19.45 38.20
C TYR D 64 -13.71 18.27 38.92
N SER D 65 -12.92 17.22 39.14
CA SER D 65 -13.33 16.04 39.88
C SER D 65 -14.53 15.34 39.29
N GLY D 66 -15.00 15.77 38.12
CA GLY D 66 -16.04 15.04 37.43
C GLY D 66 -15.44 13.76 36.89
N ASP D 67 -15.79 12.63 37.51
CA ASP D 67 -15.26 11.35 37.04
C ASP D 67 -16.22 10.68 36.06
N ALA D 68 -17.39 10.28 36.53
CA ALA D 68 -18.53 10.02 35.67
C ALA D 68 -19.77 10.41 36.44
N GLN D 69 -19.64 11.37 37.36
CA GLN D 69 -20.59 11.56 38.43
C GLN D 69 -22.03 11.57 37.93
N GLN D 70 -22.78 10.55 38.34
CA GLN D 70 -24.13 10.29 37.83
C GLN D 70 -24.19 10.47 36.32
N LEU D 71 -23.20 9.95 35.60
CA LEU D 71 -23.29 9.91 34.15
C LEU D 71 -23.49 11.31 33.58
N SER D 72 -22.46 12.16 33.55
CA SER D 72 -22.70 13.56 33.22
C SER D 72 -23.20 13.70 31.79
N GLN D 73 -24.48 13.36 31.63
CA GLN D 73 -25.23 13.48 30.38
C GLN D 73 -26.07 14.75 30.38
N VAL D 74 -25.87 15.55 29.32
CA VAL D 74 -26.80 16.60 28.94
C VAL D 74 -27.14 16.39 27.47
N ASN D 75 -28.42 16.49 27.14
CA ASN D 75 -28.85 16.29 25.77
C ASN D 75 -28.10 17.23 24.84
N CYS D 76 -27.55 16.67 23.77
CA CYS D 76 -26.49 17.28 23.00
C CYS D 76 -26.67 17.20 21.49
N SER D 77 -26.01 18.15 20.82
CA SER D 77 -25.65 17.99 19.40
C SER D 77 -24.29 18.59 19.06
N GLU D 78 -23.46 18.94 20.02
CA GLU D 78 -22.28 19.76 19.77
C GLU D 78 -21.02 19.06 20.31
N ARG D 79 -19.87 19.73 20.35
CA ARG D 79 -18.65 19.17 20.92
C ARG D 79 -18.07 20.21 21.88
N TYR D 80 -18.08 19.92 23.18
CA TYR D 80 -17.50 20.86 24.12
C TYR D 80 -15.99 20.83 24.07
N GLU D 81 -15.39 21.93 23.59
CA GLU D 81 -13.94 22.06 23.58
C GLU D 81 -13.44 22.47 24.95
N ALA D 82 -12.17 22.84 25.05
CA ALA D 82 -11.61 23.26 26.34
C ALA D 82 -11.15 24.70 26.17
N ARG D 83 -12.04 25.63 26.51
CA ARG D 83 -11.76 27.06 26.34
C ARG D 83 -11.05 27.59 27.59
N GLY D 84 -9.79 27.20 27.70
CA GLY D 84 -8.96 27.61 28.82
C GLY D 84 -7.51 27.56 28.47
N ALA D 85 -6.67 27.33 29.46
CA ALA D 85 -5.23 27.23 29.26
C ALA D 85 -4.79 25.85 28.78
N GLY D 86 -5.43 25.33 27.73
CA GLY D 86 -4.96 24.12 27.10
C GLY D 86 -3.57 24.36 26.59
N ALA D 87 -3.27 25.64 26.32
CA ALA D 87 -1.93 26.16 26.11
C ALA D 87 -1.31 25.67 24.80
N MET D 88 -2.01 24.79 24.09
CA MET D 88 -1.53 24.17 22.86
C MET D 88 -0.07 23.72 23.05
N PRO D 89 0.15 22.68 23.86
CA PRO D 89 1.51 22.36 24.33
C PRO D 89 2.55 22.17 23.23
N GLY D 90 2.21 21.48 22.14
CA GLY D 90 3.22 21.26 21.11
C GLY D 90 3.75 19.85 21.02
N LEU D 91 2.87 18.85 21.08
CA LEU D 91 3.21 17.43 21.03
C LEU D 91 4.06 16.98 22.22
N PRO D 92 3.47 16.87 23.41
CA PRO D 92 4.14 16.19 24.51
C PRO D 92 4.84 14.93 24.05
N PRO D 93 6.08 14.71 24.47
CA PRO D 93 6.84 13.54 24.00
C PRO D 93 6.16 12.19 24.16
N SER D 94 5.04 12.15 24.89
CA SER D 94 4.27 10.92 24.92
C SER D 94 3.55 10.67 23.60
N LEU D 95 2.99 11.71 23.00
CA LEU D 95 2.39 11.62 21.67
C LEU D 95 3.46 11.82 20.59
N GLN D 96 4.51 11.00 20.67
CA GLN D 96 5.57 11.03 19.70
C GLN D 96 5.62 9.80 18.81
N GLY D 97 5.18 8.65 19.31
CA GLY D 97 4.93 7.53 18.43
C GLY D 97 3.78 7.79 17.49
N ALA D 98 2.70 8.39 18.00
CA ALA D 98 1.51 8.64 17.19
C ALA D 98 1.83 9.51 16.00
N ALA D 99 2.30 10.74 16.23
CA ALA D 99 2.59 11.63 15.12
C ALA D 99 3.71 11.10 14.24
N GLY D 100 4.34 9.99 14.60
CA GLY D 100 5.28 9.33 13.72
C GLY D 100 4.55 8.41 12.75
N THR D 101 3.75 7.50 13.30
CA THR D 101 3.00 6.55 12.48
C THR D 101 1.91 7.20 11.66
N LEU D 102 1.60 8.46 11.90
CA LEU D 102 0.57 9.17 11.15
C LEU D 102 1.17 10.08 10.08
N ALA D 103 2.48 10.30 10.11
CA ALA D 103 3.15 11.01 9.05
C ALA D 103 3.94 10.08 8.15
N GLN D 104 3.89 8.77 8.40
CA GLN D 104 4.35 7.79 7.42
C GLN D 104 3.22 7.34 6.50
N ALA D 105 2.02 7.18 7.03
CA ALA D 105 0.87 6.80 6.20
C ALA D 105 0.37 7.99 5.40
N ALA D 106 0.99 9.14 5.63
CA ALA D 106 0.80 10.25 4.69
C ALA D 106 1.99 10.40 3.76
N ASN D 107 2.96 9.51 3.82
CA ASN D 107 4.03 9.43 2.83
C ASN D 107 3.84 8.24 1.91
N PHE D 108 3.45 7.08 2.43
CA PHE D 108 3.16 5.95 1.58
C PHE D 108 2.11 6.29 0.54
N LEU D 109 1.19 7.18 0.87
CA LEU D 109 0.19 7.67 -0.06
C LEU D 109 0.64 8.96 -0.74
N ASN D 110 1.84 9.43 -0.43
CA ASN D 110 2.39 10.62 -1.04
C ASN D 110 3.28 10.30 -2.23
N MET D 111 3.94 9.14 -2.23
CA MET D 111 4.78 8.73 -3.33
C MET D 111 4.09 7.73 -4.24
N LEU D 112 2.84 7.39 -3.96
CA LEU D 112 2.08 6.46 -4.78
C LEU D 112 1.06 7.16 -5.66
N LEU D 113 0.68 8.39 -5.33
CA LEU D 113 -0.16 9.20 -6.20
C LEU D 113 0.65 10.27 -6.93
N GLN D 114 1.97 10.28 -6.75
CA GLN D 114 2.84 11.22 -7.44
C GLN D 114 3.75 10.55 -8.46
N ALA D 115 3.67 9.26 -8.62
CA ALA D 115 4.47 8.57 -9.60
C ALA D 115 3.63 7.93 -10.70
N ASN D 116 2.41 7.52 -10.40
CA ASN D 116 1.50 6.90 -11.38
C ASN D 116 0.14 7.56 -11.21
N ASP D 117 -0.11 8.63 -11.98
CA ASP D 117 -1.31 9.41 -11.78
C ASP D 117 -2.58 8.67 -12.13
N ILE D 118 -2.51 7.57 -12.89
CA ILE D 118 -3.72 6.77 -13.11
C ILE D 118 -4.20 6.14 -11.82
N ARG D 119 -3.40 6.16 -10.76
CA ARG D 119 -3.82 5.65 -9.47
C ARG D 119 -4.81 6.56 -8.78
N GLU D 120 -5.18 7.67 -9.41
CA GLU D 120 -6.19 8.57 -8.89
C GLU D 120 -7.52 8.40 -9.59
N SER D 121 -7.65 7.42 -10.48
CA SER D 121 -8.89 7.19 -11.22
C SER D 121 -9.38 5.77 -11.07
N SER D 122 -8.78 4.98 -10.18
CA SER D 122 -9.23 3.62 -9.95
C SER D 122 -9.20 3.32 -8.46
N VAL D 123 -9.67 4.26 -7.64
CA VAL D 123 -9.60 4.10 -6.19
C VAL D 123 -10.70 3.20 -5.65
N GLU D 124 -11.74 2.91 -6.43
CA GLU D 124 -12.78 2.00 -5.99
C GLU D 124 -12.50 0.55 -6.38
N GLU D 125 -11.54 0.31 -7.26
CA GLU D 125 -11.08 -1.04 -7.54
C GLU D 125 -9.87 -1.43 -6.71
N ASP D 126 -9.14 -0.46 -6.18
CA ASP D 126 -7.99 -0.71 -5.32
C ASP D 126 -8.35 -0.59 -3.84
N VAL D 127 -9.58 -0.96 -3.48
CA VAL D 127 -10.09 -0.68 -2.15
C VAL D 127 -9.79 -1.87 -1.26
N GLU D 128 -8.84 -2.71 -1.68
CA GLU D 128 -8.25 -3.68 -0.79
C GLU D 128 -6.92 -3.20 -0.23
N TRP D 129 -6.25 -2.25 -0.88
CA TRP D 129 -5.00 -1.70 -0.40
C TRP D 129 -5.18 -0.54 0.56
N TYR D 130 -6.30 0.19 0.47
CA TYR D 130 -6.58 1.25 1.43
C TYR D 130 -7.37 0.75 2.64
N GLN D 131 -7.77 -0.51 2.65
CA GLN D 131 -8.35 -1.13 3.84
C GLN D 131 -7.28 -1.75 4.72
N ALA D 132 -6.02 -1.64 4.33
CA ALA D 132 -4.92 -2.06 5.18
C ALA D 132 -4.18 -0.90 5.80
N LEU D 133 -4.33 0.33 5.28
CA LEU D 133 -3.78 1.49 5.94
C LEU D 133 -4.56 1.84 7.19
N VAL D 134 -5.86 2.09 7.05
CA VAL D 134 -6.65 2.54 8.20
C VAL D 134 -6.78 1.47 9.25
N ARG D 135 -6.38 0.23 8.95
CA ARG D 135 -6.24 -0.78 9.98
C ARG D 135 -4.83 -0.84 10.53
N SER D 136 -3.97 0.06 10.08
CA SER D 136 -2.63 0.23 10.63
C SER D 136 -2.50 1.49 11.46
N VAL D 137 -2.99 2.62 10.94
CA VAL D 137 -3.06 3.85 11.73
C VAL D 137 -3.80 3.62 13.03
N ALA D 138 -4.75 2.67 13.05
CA ALA D 138 -5.51 2.34 14.24
C ALA D 138 -4.70 1.57 15.26
N GLU D 139 -3.39 1.46 15.08
CA GLU D 139 -2.54 0.75 16.01
C GLU D 139 -1.20 1.44 16.26
N GLY D 140 -1.05 2.69 15.84
CA GLY D 140 0.16 3.43 16.10
C GLY D 140 0.31 3.93 17.52
N ASP D 141 -0.44 3.37 18.46
CA ASP D 141 -0.42 3.81 19.84
C ASP D 141 -1.27 2.84 20.65
N PRO D 142 -0.98 2.66 21.93
CA PRO D 142 -1.86 1.85 22.79
C PRO D 142 -3.05 2.61 23.37
N ARG D 143 -3.22 3.89 23.03
CA ARG D 143 -4.37 4.68 23.46
C ARG D 143 -4.98 5.29 22.21
N VAL D 144 -5.85 4.52 21.55
CA VAL D 144 -6.48 4.97 20.32
C VAL D 144 -7.97 4.70 20.40
N TYR D 145 -8.75 5.58 19.77
CA TYR D 145 -10.19 5.36 19.62
C TYR D 145 -10.57 5.14 18.16
N ARG D 146 -10.23 6.06 17.27
CA ARG D 146 -10.55 5.86 15.88
C ARG D 146 -9.33 6.01 15.01
N ALA D 147 -9.50 5.78 13.71
CA ALA D 147 -8.48 6.04 12.71
C ALA D 147 -9.23 6.12 11.39
N LEU D 148 -9.13 7.25 10.70
CA LEU D 148 -10.09 7.58 9.67
C LEU D 148 -9.40 8.18 8.46
N LEU D 149 -9.75 7.67 7.28
CA LEU D 149 -9.21 8.14 6.01
C LEU D 149 -10.34 8.68 5.15
N THR D 150 -10.12 9.84 4.55
CA THR D 150 -11.16 10.50 3.73
C THR D 150 -10.50 11.04 2.47
N PHE D 151 -10.62 10.30 1.37
CA PHE D 151 -10.25 10.86 0.09
C PHE D 151 -11.13 12.06 -0.18
N ASN D 152 -10.54 13.17 -0.61
CA ASN D 152 -11.35 14.35 -0.87
C ASN D 152 -12.25 14.10 -2.07
N PRO D 153 -13.33 14.86 -2.21
CA PRO D 153 -14.17 14.73 -3.40
C PRO D 153 -13.35 15.03 -4.64
N PRO D 154 -13.71 14.45 -5.78
CA PRO D 154 -13.09 14.85 -7.03
C PRO D 154 -13.22 16.34 -7.21
N PRO D 155 -12.17 17.02 -7.69
CA PRO D 155 -12.25 18.49 -7.81
C PRO D 155 -13.45 18.89 -8.64
N GLY D 156 -14.16 19.93 -8.19
CA GLY D 156 -15.38 20.35 -8.86
C GLY D 156 -16.44 19.27 -8.88
N ALA D 157 -16.67 18.62 -7.74
CA ALA D 157 -17.69 17.58 -7.63
C ALA D 157 -18.32 17.59 -6.25
N SER D 158 -19.13 16.58 -5.92
CA SER D 158 -19.91 16.63 -4.69
C SER D 158 -19.54 15.55 -3.67
N HIS D 159 -19.67 14.28 -4.04
CA HIS D 159 -19.57 13.22 -3.03
C HIS D 159 -18.12 13.00 -2.60
N LEU D 160 -17.98 12.29 -1.48
CA LEU D 160 -16.71 12.26 -0.76
C LEU D 160 -15.75 11.24 -1.35
N GLN D 161 -16.28 10.27 -2.10
CA GLN D 161 -15.42 9.26 -2.74
C GLN D 161 -14.64 8.42 -1.73
N LEU D 162 -15.32 7.50 -1.05
CA LEU D 162 -14.65 6.39 -0.36
C LEU D 162 -13.87 6.84 0.88
N ALA D 163 -14.58 7.14 1.97
CA ALA D 163 -13.95 7.39 3.27
C ALA D 163 -14.22 6.26 4.27
N LEU D 164 -13.17 5.67 4.85
CA LEU D 164 -13.32 4.56 5.78
C LEU D 164 -13.21 5.00 7.23
N GLN D 165 -13.19 4.02 8.13
CA GLN D 165 -13.00 4.26 9.56
C GLN D 165 -12.73 2.98 10.33
N ALA D 166 -11.67 2.93 11.12
CA ALA D 166 -11.51 1.86 12.09
C ALA D 166 -11.78 2.38 13.49
N THR D 167 -12.24 1.50 14.38
CA THR D 167 -12.71 1.92 15.70
C THR D 167 -12.29 0.88 16.74
N ARG D 168 -11.23 1.20 17.50
CA ARG D 168 -10.79 0.29 18.55
C ARG D 168 -11.90 0.09 19.57
N THR D 169 -12.12 -1.17 19.94
CA THR D 169 -13.14 -1.51 20.92
C THR D 169 -12.55 -2.59 21.82
N GLY D 170 -11.32 -2.39 22.26
CA GLY D 170 -10.65 -3.36 23.09
C GLY D 170 -9.74 -4.27 22.30
N GLU D 171 -10.20 -5.51 22.07
CA GLU D 171 -9.43 -6.47 21.29
C GLU D 171 -10.05 -6.61 19.90
N GLU D 172 -10.49 -5.49 19.34
CA GLU D 172 -11.28 -5.53 18.11
C GLU D 172 -10.99 -4.27 17.31
N THR D 173 -11.36 -4.30 16.04
CA THR D 173 -11.29 -3.12 15.18
C THR D 173 -12.38 -3.26 14.12
N ILE D 174 -13.38 -2.40 14.21
CA ILE D 174 -14.54 -2.45 13.33
C ILE D 174 -14.33 -1.49 12.16
N LEU D 175 -14.63 -1.94 10.96
CA LEU D 175 -14.39 -1.15 9.76
C LEU D 175 -15.72 -0.84 9.07
N GLN D 176 -15.94 0.45 8.75
CA GLN D 176 -17.17 0.88 8.12
C GLN D 176 -16.87 1.87 7.00
N ASP D 177 -17.84 2.02 6.11
CA ASP D 177 -17.78 2.98 5.01
C ASP D 177 -18.74 4.13 5.30
N LEU D 178 -18.19 5.25 5.78
CA LEU D 178 -19.00 6.44 5.96
C LEU D 178 -18.85 7.38 4.76
N SER D 179 -19.19 6.85 3.59
CA SER D 179 -19.18 7.65 2.37
C SER D 179 -20.54 8.18 1.99
N GLY D 180 -21.61 7.49 2.37
CA GLY D 180 -22.98 7.91 2.15
C GLY D 180 -23.53 8.85 3.21
N ASN D 181 -22.75 9.18 4.23
CA ASN D 181 -23.17 10.13 5.26
C ASN D 181 -22.48 11.48 5.10
N TRP D 182 -21.15 11.49 4.99
CA TRP D 182 -20.40 12.72 4.78
C TRP D 182 -20.49 13.16 3.32
N VAL D 183 -21.72 13.34 2.86
CA VAL D 183 -21.93 13.93 1.56
C VAL D 183 -21.33 15.34 1.55
N GLN D 184 -20.92 15.77 0.36
CA GLN D 184 -20.29 17.07 0.10
C GLN D 184 -19.29 17.46 1.18
N GLU D 185 -18.54 16.49 1.70
CA GLU D 185 -17.45 16.76 2.63
C GLU D 185 -17.95 17.53 3.85
N GLU D 186 -18.77 16.89 4.68
CA GLU D 186 -19.33 17.51 5.88
C GLU D 186 -18.27 18.05 6.84
N ASN D 187 -17.00 17.72 6.64
CA ASN D 187 -15.90 18.21 7.47
C ASN D 187 -16.11 17.85 8.95
N PRO D 195 -1.06 23.62 0.10
CA PRO D 195 0.36 23.96 0.31
C PRO D 195 0.76 23.90 1.77
N ALA D 196 1.96 23.38 2.03
CA ALA D 196 2.47 23.34 3.40
C ALA D 196 4.00 23.40 3.39
N LEU D 197 4.62 23.08 4.52
CA LEU D 197 6.07 23.01 4.61
C LEU D 197 6.51 21.74 3.88
N LYS D 198 6.72 21.86 2.58
CA LYS D 198 6.99 20.72 1.71
C LYS D 198 8.38 20.86 1.13
N LYS D 199 9.19 19.81 1.27
CA LYS D 199 10.54 19.78 0.72
C LYS D 199 10.61 18.69 -0.34
N ARG D 200 11.13 19.06 -1.51
CA ARG D 200 11.19 18.14 -2.62
C ARG D 200 12.19 17.02 -2.34
N VAL D 201 11.86 15.82 -2.79
CA VAL D 201 12.76 14.66 -2.69
C VAL D 201 12.82 14.03 -4.07
N LEU D 202 13.93 14.24 -4.77
CA LEU D 202 14.06 13.86 -6.17
C LEU D 202 14.03 12.35 -6.34
N THR D 203 12.90 11.82 -6.80
CA THR D 203 12.82 10.40 -7.11
C THR D 203 13.81 10.07 -8.22
N ASN D 204 14.64 9.06 -7.97
CA ASN D 204 15.58 8.57 -8.97
C ASN D 204 15.45 7.06 -9.01
N ASP D 205 15.49 6.49 -10.20
CA ASP D 205 15.00 5.13 -10.39
C ASP D 205 16.03 4.18 -10.94
N LEU D 206 17.12 4.67 -11.53
CA LEU D 206 18.05 3.77 -12.21
C LEU D 206 18.68 2.78 -11.25
N GLY D 207 18.19 1.55 -11.26
CA GLY D 207 18.76 0.48 -10.48
C GLY D 207 18.71 -0.82 -11.23
N SER D 208 18.69 -0.74 -12.55
CA SER D 208 18.41 -1.88 -13.42
C SER D 208 17.05 -2.49 -13.05
N LEU D 209 16.10 -1.62 -12.77
CA LEU D 209 14.72 -2.02 -12.51
C LEU D 209 13.99 -2.22 -13.83
N GLY D 210 13.29 -3.34 -13.95
CA GLY D 210 12.53 -3.61 -15.15
C GLY D 210 11.05 -3.33 -15.00
N SER D 211 10.62 -2.92 -13.81
CA SER D 211 9.20 -2.66 -13.58
C SER D 211 8.77 -1.28 -14.05
N PRO D 212 9.46 -0.18 -13.69
CA PRO D 212 9.17 1.10 -14.33
C PRO D 212 10.12 1.36 -15.49
N LYS D 213 9.82 2.43 -16.22
CA LYS D 213 10.61 2.84 -17.38
C LYS D 213 10.78 4.35 -17.43
N TRP D 214 11.06 4.99 -16.30
CA TRP D 214 11.30 6.41 -16.31
C TRP D 214 12.53 6.74 -15.46
N PRO D 215 13.46 7.52 -15.99
CA PRO D 215 14.69 7.82 -15.25
C PRO D 215 14.49 8.65 -13.99
N GLN D 216 13.89 9.82 -14.11
CA GLN D 216 13.85 10.78 -13.02
C GLN D 216 12.57 11.60 -13.03
N ALA D 217 12.04 11.84 -11.84
CA ALA D 217 10.88 12.71 -11.65
C ALA D 217 10.92 13.27 -10.23
N ASP D 218 10.16 14.32 -9.95
CA ASP D 218 10.28 15.00 -8.66
C ASP D 218 8.99 14.96 -7.85
N GLY D 219 9.08 14.50 -6.60
CA GLY D 219 7.95 14.44 -5.70
C GLY D 219 8.04 15.45 -4.58
N TYR D 220 7.06 15.38 -3.68
CA TYR D 220 6.97 16.25 -2.53
C TYR D 220 6.71 15.42 -1.29
N VAL D 221 7.39 15.73 -0.19
CA VAL D 221 7.32 14.92 1.02
C VAL D 221 7.32 15.80 2.27
N GLY D 222 6.43 15.48 3.21
CA GLY D 222 6.42 16.11 4.51
C GLY D 222 6.99 15.20 5.58
N ASP D 223 7.02 15.72 6.81
CA ASP D 223 7.68 15.02 7.91
C ASP D 223 6.76 14.82 9.09
N THR D 224 7.34 14.42 10.24
CA THR D 224 6.57 14.06 11.42
C THR D 224 6.49 15.18 12.46
N GLN D 225 6.85 16.40 12.06
CA GLN D 225 6.64 17.56 12.93
C GLN D 225 5.67 18.54 12.29
N GLN D 226 4.78 18.03 11.44
CA GLN D 226 3.71 18.82 10.86
C GLN D 226 2.34 18.23 11.17
N VAL D 227 2.26 17.11 11.88
CA VAL D 227 0.98 16.62 12.37
C VAL D 227 0.31 17.72 13.18
N ARG D 228 -0.97 17.95 12.91
CA ARG D 228 -1.69 19.02 13.57
C ARG D 228 -2.43 18.49 14.80
N LEU D 229 -2.70 19.38 15.73
CA LEU D 229 -3.35 19.07 17.00
C LEU D 229 -4.79 19.57 16.98
N SER D 230 -5.44 19.44 18.13
CA SER D 230 -6.80 19.88 18.30
C SER D 230 -6.99 20.16 19.78
N PRO D 231 -7.65 21.25 20.14
CA PRO D 231 -7.95 21.50 21.55
C PRO D 231 -8.75 20.34 22.12
N PRO D 232 -8.42 19.89 23.32
CA PRO D 232 -9.08 18.70 23.85
C PRO D 232 -10.59 18.92 23.96
N PHE D 233 -11.35 17.90 23.61
CA PHE D 233 -12.79 17.99 23.56
C PHE D 233 -13.39 16.68 24.06
N LEU D 234 -14.70 16.63 24.09
CA LEU D 234 -15.45 15.38 24.22
C LEU D 234 -16.75 15.54 23.47
N GLU D 235 -17.07 14.57 22.63
CA GLU D 235 -18.18 14.68 21.72
C GLU D 235 -19.41 14.07 22.38
N CYS D 236 -20.53 14.13 21.67
CA CYS D 236 -21.77 13.56 22.16
C CYS D 236 -22.33 12.53 21.18
N GLN D 237 -22.74 11.39 21.75
CA GLN D 237 -23.16 10.18 21.06
C GLN D 237 -24.67 10.10 21.14
N GLU D 238 -25.35 10.45 20.05
CA GLU D 238 -26.80 10.55 19.96
C GLU D 238 -27.34 11.65 20.84
N GLY D 239 -26.46 12.44 21.47
CA GLY D 239 -26.86 13.49 22.37
C GLY D 239 -26.41 13.28 23.80
N ARG D 240 -25.85 12.12 24.12
CA ARG D 240 -25.50 11.79 25.50
C ARG D 240 -23.98 11.74 25.60
N LEU D 241 -23.37 12.86 25.97
CA LEU D 241 -21.92 13.04 25.99
C LEU D 241 -21.19 11.83 26.54
N ARG D 242 -20.27 11.25 25.75
CA ARG D 242 -19.40 10.23 26.31
C ARG D 242 -18.24 10.92 27.03
N PRO D 243 -17.92 10.50 28.25
CA PRO D 243 -16.77 11.12 28.94
C PRO D 243 -15.45 10.49 28.49
N GLY D 244 -14.73 11.17 27.60
CA GLY D 244 -13.42 10.65 27.23
C GLY D 244 -12.26 11.63 27.14
N TRP D 245 -12.54 12.91 26.88
CA TRP D 245 -11.50 13.91 26.67
C TRP D 245 -10.50 13.49 25.59
N LEU D 246 -10.95 13.41 24.34
CA LEU D 246 -10.13 12.95 23.23
C LEU D 246 -9.27 14.09 22.67
N ILE D 247 -8.57 13.77 21.57
CA ILE D 247 -7.75 14.71 20.83
C ILE D 247 -7.46 14.10 19.46
N THR D 248 -7.39 14.94 18.43
CA THR D 248 -7.27 14.47 17.06
C THR D 248 -5.95 14.93 16.44
N LEU D 249 -5.31 14.03 15.71
CA LEU D 249 -4.09 14.34 14.98
C LEU D 249 -4.33 14.16 13.49
N SER D 250 -3.92 15.14 12.69
CA SER D 250 -4.25 15.15 11.27
C SER D 250 -3.00 14.94 10.42
N ALA D 251 -3.20 14.97 9.10
CA ALA D 251 -2.14 14.82 8.10
C ALA D 251 -2.69 15.21 6.75
N THR D 252 -1.93 15.01 5.67
CA THR D 252 -2.41 15.43 4.36
C THR D 252 -1.61 14.83 3.21
N PHE D 253 -2.28 14.19 2.25
CA PHE D 253 -1.61 13.65 1.08
C PHE D 253 -1.18 14.79 0.17
N TYR D 254 -0.57 14.46 -0.96
CA TYR D 254 -0.35 15.44 -2.02
C TYR D 254 -0.19 14.75 -3.37
N GLY D 255 -1.22 14.76 -4.20
CA GLY D 255 -1.09 14.25 -5.55
C GLY D 255 -0.27 15.19 -6.40
N LEU D 256 -0.43 15.11 -7.71
CA LEU D 256 0.19 16.07 -8.59
C LEU D 256 -0.85 16.78 -9.43
N LYS D 257 -0.93 18.10 -9.24
CA LYS D 257 -1.61 19.00 -10.17
C LYS D 257 -0.70 19.05 -11.39
N PRO D 258 -1.24 19.07 -12.60
CA PRO D 258 -0.35 18.95 -13.75
C PRO D 258 0.44 20.22 -14.05
N ASP D 259 0.84 20.95 -13.01
CA ASP D 259 1.97 21.88 -13.07
C ASP D 259 2.81 21.78 -11.81
N LEU D 260 2.14 21.70 -10.67
CA LEU D 260 2.72 21.89 -9.34
C LEU D 260 2.45 20.68 -8.48
N SER D 261 2.67 20.79 -7.17
CA SER D 261 2.08 19.76 -6.32
C SER D 261 1.49 20.24 -5.00
N PRO D 262 0.75 21.34 -4.95
CA PRO D 262 -0.13 21.54 -3.79
C PRO D 262 -1.56 21.09 -4.02
N GLU D 263 -1.80 19.85 -4.44
CA GLU D 263 -3.17 19.39 -4.48
C GLU D 263 -3.37 18.35 -3.37
N VAL D 264 -4.35 18.61 -2.51
CA VAL D 264 -4.35 18.10 -1.15
C VAL D 264 -5.26 16.89 -0.99
N ARG D 265 -5.43 16.09 -2.04
CA ARG D 265 -6.51 15.11 -2.02
C ARG D 265 -6.21 14.05 -0.94
N GLY D 266 -6.89 14.18 0.19
CA GLY D 266 -6.85 13.16 1.20
C GLY D 266 -6.62 13.76 2.58
N GLN D 267 -6.82 12.91 3.58
CA GLN D 267 -6.56 13.23 4.97
C GLN D 267 -6.68 11.99 5.84
N VAL D 268 -5.77 11.81 6.80
CA VAL D 268 -5.79 10.66 7.70
C VAL D 268 -5.68 11.14 9.13
N GLN D 269 -6.55 10.63 10.01
CA GLN D 269 -6.75 11.24 11.32
C GLN D 269 -6.77 10.20 12.42
N MET D 270 -6.44 10.64 13.63
CA MET D 270 -6.37 9.79 14.81
C MET D 270 -7.23 10.39 15.92
N ASP D 271 -7.60 9.54 16.88
CA ASP D 271 -8.33 9.97 18.08
C ASP D 271 -7.69 9.28 19.27
N VAL D 272 -7.18 10.07 20.20
CA VAL D 272 -6.42 9.52 21.32
C VAL D 272 -7.15 9.84 22.62
N ASP D 273 -7.03 8.94 23.61
CA ASP D 273 -7.71 9.09 24.90
C ASP D 273 -6.76 9.75 25.89
N LEU D 274 -7.21 10.84 26.52
CA LEU D 274 -6.38 11.58 27.45
C LEU D 274 -6.85 11.45 28.90
N GLN D 275 -7.74 10.49 29.16
CA GLN D 275 -8.20 10.29 30.53
C GLN D 275 -7.27 9.39 31.32
N SER D 276 -6.03 9.24 30.87
CA SER D 276 -5.04 8.45 31.59
C SER D 276 -3.74 9.21 31.76
N VAL D 277 -3.59 10.34 31.08
CA VAL D 277 -2.44 11.21 31.30
C VAL D 277 -2.63 11.91 32.64
N ASP D 278 -1.52 12.38 33.23
CA ASP D 278 -1.53 13.03 34.53
C ASP D 278 -1.26 14.52 34.32
N ILE D 279 -2.33 15.32 34.34
CA ILE D 279 -2.18 16.76 34.22
C ILE D 279 -1.44 17.29 35.45
N ASN D 280 -0.75 18.42 35.29
CA ASN D 280 0.14 18.98 36.33
C ASN D 280 -0.03 20.49 36.37
N GLN D 281 -0.79 20.96 37.36
CA GLN D 281 -1.17 22.37 37.40
C GLN D 281 -0.07 23.24 38.01
N CYS D 282 0.62 22.73 39.04
CA CYS D 282 1.54 23.57 39.79
C CYS D 282 2.97 23.11 39.59
N ALA D 283 3.32 22.78 38.35
CA ALA D 283 4.70 22.51 37.98
C ALA D 283 4.91 23.11 36.61
N SER D 284 6.05 22.80 35.99
CA SER D 284 6.39 23.33 34.68
C SER D 284 6.84 22.18 33.79
N GLY D 285 6.14 21.97 32.68
CA GLY D 285 6.46 20.93 31.74
C GLY D 285 5.73 21.10 30.43
N PRO D 286 5.79 20.09 29.56
CA PRO D 286 5.10 20.17 28.28
C PRO D 286 3.65 19.68 28.34
N GLY D 287 3.09 19.57 29.54
CA GLY D 287 1.72 19.14 29.73
C GLY D 287 0.71 20.07 29.11
N TRP D 288 -0.57 19.79 29.35
CA TRP D 288 -1.62 20.55 28.68
C TRP D 288 -1.98 21.81 29.47
N TYR D 289 -2.43 21.67 30.70
CA TYR D 289 -2.60 22.83 31.56
C TYR D 289 -1.37 22.97 32.45
N SER D 290 -0.53 23.95 32.16
CA SER D 290 0.76 24.08 32.82
C SER D 290 0.84 25.40 33.58
N ASN D 291 1.32 25.31 34.81
CA ASN D 291 1.49 26.46 35.70
C ASN D 291 0.20 27.26 35.81
N THR D 292 -0.91 26.53 35.92
CA THR D 292 -2.24 27.13 36.04
C THR D 292 -2.74 27.19 37.47
N HIS D 293 -1.88 26.87 38.45
CA HIS D 293 -2.32 26.81 39.84
C HIS D 293 -2.93 28.11 40.31
N LEU D 294 -4.09 28.04 40.93
CA LEU D 294 -4.75 29.22 41.47
C LEU D 294 -4.43 29.41 42.96
N CYS D 295 -3.14 29.53 43.27
CA CYS D 295 -2.72 29.71 44.65
C CYS D 295 -2.99 31.12 45.12
N ASP D 296 -3.84 31.24 46.14
CA ASP D 296 -4.03 32.48 46.89
C ASP D 296 -2.79 32.64 47.77
N LEU D 297 -1.66 32.89 47.09
CA LEU D 297 -0.33 32.66 47.62
C LEU D 297 -0.03 33.37 48.95
N ASN D 298 0.44 32.62 49.93
CA ASN D 298 1.10 33.25 51.07
C ASN D 298 2.52 33.64 50.70
N SER D 299 3.33 32.66 50.35
CA SER D 299 4.58 32.93 49.65
C SER D 299 4.75 32.02 48.43
N THR D 300 3.68 31.45 47.89
CA THR D 300 3.70 30.55 46.75
C THR D 300 4.48 29.28 47.06
N GLN D 301 4.00 28.48 48.01
CA GLN D 301 4.46 27.10 48.20
C GLN D 301 3.25 26.19 48.05
N CYS D 302 3.24 25.39 46.98
CA CYS D 302 2.15 24.50 46.62
C CYS D 302 2.62 23.06 46.62
N VAL D 303 1.68 22.15 46.37
CA VAL D 303 2.04 20.76 46.12
C VAL D 303 1.00 20.06 45.26
N PRO D 304 1.32 19.70 44.02
CA PRO D 304 0.45 18.81 43.26
C PRO D 304 0.51 17.40 43.84
N LEU D 305 -0.60 16.94 44.40
CA LEU D 305 -0.60 15.71 45.18
C LEU D 305 -1.68 14.77 44.68
N GLU D 306 -1.37 14.01 43.63
CA GLU D 306 -2.14 12.84 43.22
C GLU D 306 -1.46 12.17 42.02
N SER D 307 -2.06 11.09 41.53
CA SER D 307 -1.80 10.54 40.21
C SER D 307 -3.04 10.74 39.34
N GLN D 308 -3.62 11.92 39.46
CA GLN D 308 -4.90 12.26 38.87
C GLN D 308 -4.89 12.07 37.36
N GLY D 309 -6.09 11.98 36.79
CA GLY D 309 -6.22 11.88 35.35
C GLY D 309 -6.20 13.25 34.72
N PHE D 310 -7.16 13.53 33.85
CA PHE D 310 -7.27 14.84 33.21
C PHE D 310 -8.29 15.68 33.98
N VAL D 311 -7.88 16.10 35.17
CA VAL D 311 -8.70 16.90 36.07
C VAL D 311 -7.99 18.21 36.33
N LEU D 312 -8.62 19.32 35.95
CA LEU D 312 -8.00 20.62 36.12
C LEU D 312 -8.15 21.09 37.56
N GLY D 313 -7.09 21.69 38.09
CA GLY D 313 -7.14 22.32 39.40
C GLY D 313 -7.53 21.39 40.53
N ARG D 314 -6.71 20.37 40.79
CA ARG D 314 -6.95 19.48 41.92
C ARG D 314 -5.62 19.23 42.63
N TYR D 315 -4.80 20.27 42.73
CA TYR D 315 -3.60 20.22 43.56
C TYR D 315 -3.96 20.47 45.01
N LEU D 316 -2.96 20.71 45.85
CA LEU D 316 -3.18 21.12 47.23
C LEU D 316 -2.23 22.28 47.50
N CYS D 317 -2.78 23.50 47.51
CA CYS D 317 -1.95 24.68 47.74
C CYS D 317 -2.06 25.13 49.20
N ARG D 318 -1.53 24.29 50.09
CA ARG D 318 -1.39 24.68 51.49
C ARG D 318 0.07 24.81 51.88
N CYS D 319 0.81 23.69 51.85
CA CYS D 319 2.26 23.63 51.93
C CYS D 319 2.87 24.74 52.79
N ARG D 320 2.40 24.88 54.03
CA ARG D 320 2.77 26.00 54.89
C ARG D 320 4.27 26.33 54.87
#